data_4DJ2
#
_entry.id   4DJ2
#
_cell.length_a   100.340
_cell.length_b   56.870
_cell.length_c   100.950
_cell.angle_alpha   90.00
_cell.angle_beta   90.07
_cell.angle_gamma   90.00
#
_symmetry.space_group_name_H-M   'P 1 21 1'
#
loop_
_entity.id
_entity.type
_entity.pdbx_description
1 polymer 'Period circadian protein homolog 1'
2 water water
#
_entity_poly.entity_id   1
_entity_poly.type   'polypeptide(L)'
_entity_poly.pdbx_seq_one_letter_code
;GPLGSPEFEPCAMDMSTYTLEELEHITSEYTLRNQDTFSVAVSFLTGRIVYISEQAGVLLRCKRDVFRGARFSELLAPQD
VGVFYGSTTPSRLPTWGTGTSAGSGLKDFTQEKSVFCRIRGGPDRDPGPRYQPFRLTPYVTKIRVSDGAPAQPCCLLIAE
RIHSGYEAPRIPPDKRIFTTRHTPSCLFQDVDERAAPLLGYLPQDLLGAPVLLFLHPEDRPLMLAIHKKILQLAGQPFDH
SPIRFCARNGEYVTMDTSWAGFVHPWSRKVAFVLGRHKVRTAPLNEDVFTPPAPSPAPSLDSDIQELSEQIHRLLLQPVH
;
_entity_poly.pdbx_strand_id   A,B,C,D
#
# COMPACT_ATOMS: atom_id res chain seq x y z
N ASP A 14 -37.54 -29.68 31.48
CA ASP A 14 -36.75 -29.42 30.29
C ASP A 14 -35.26 -29.69 30.48
N MET A 15 -34.73 -30.60 29.67
CA MET A 15 -33.36 -31.08 29.83
C MET A 15 -32.28 -30.12 29.32
N SER A 16 -32.48 -29.54 28.14
CA SER A 16 -31.48 -28.65 27.55
C SER A 16 -31.01 -27.54 28.49
N THR A 17 -31.85 -27.17 29.46
CA THR A 17 -31.46 -26.14 30.42
C THR A 17 -31.25 -26.65 31.86
N TYR A 18 -29.98 -26.58 32.27
CA TYR A 18 -29.50 -26.97 33.58
C TYR A 18 -29.59 -25.81 34.54
N THR A 19 -29.60 -26.11 35.83
CA THR A 19 -29.63 -25.06 36.85
C THR A 19 -28.26 -24.92 37.52
N LEU A 20 -28.08 -23.88 38.32
CA LEU A 20 -26.82 -23.64 39.03
C LEU A 20 -26.49 -24.79 39.96
N GLU A 21 -27.50 -25.27 40.67
CA GLU A 21 -27.32 -26.38 41.57
C GLU A 21 -26.94 -27.63 40.80
N GLU A 22 -27.53 -27.81 39.62
CA GLU A 22 -27.29 -28.99 38.81
C GLU A 22 -25.89 -28.93 38.23
N LEU A 23 -25.43 -27.69 38.09
CA LEU A 23 -24.13 -27.39 37.54
C LEU A 23 -23.06 -27.51 38.61
N GLU A 24 -23.37 -27.02 39.82
CA GLU A 24 -22.45 -27.12 40.93
C GLU A 24 -22.15 -28.59 41.24
N HIS A 25 -23.16 -29.44 41.05
CA HIS A 25 -23.03 -30.87 41.28
C HIS A 25 -22.24 -31.53 40.17
N ILE A 26 -22.67 -31.27 38.94
CA ILE A 26 -22.11 -31.93 37.77
C ILE A 26 -20.61 -31.63 37.59
N THR A 27 -20.21 -30.39 37.88
CA THR A 27 -18.81 -29.97 37.80
C THR A 27 -17.95 -30.58 38.91
N SER A 28 -18.52 -30.72 40.11
CA SER A 28 -17.86 -31.40 41.22
C SER A 28 -17.64 -32.88 40.92
N GLU A 29 -17.81 -33.27 39.67
CA GLU A 29 -17.53 -34.61 39.21
C GLU A 29 -16.39 -34.53 38.20
N TYR A 30 -16.42 -33.48 37.38
CA TYR A 30 -15.33 -33.19 36.47
C TYR A 30 -14.08 -32.91 37.28
N THR A 31 -14.22 -32.03 38.28
CA THR A 31 -13.11 -31.69 39.17
C THR A 31 -12.96 -32.71 40.30
N LEU A 32 -13.38 -33.94 40.05
CA LEU A 32 -13.16 -35.04 40.98
C LEU A 32 -12.09 -35.97 40.44
N ARG A 33 -12.29 -36.45 39.20
CA ARG A 33 -11.27 -37.26 38.54
C ARG A 33 -10.22 -36.35 37.90
N ASN A 34 -10.32 -35.06 38.18
CA ASN A 34 -9.34 -34.08 37.71
C ASN A 34 -9.29 -32.87 38.63
N GLN A 35 -8.08 -32.48 39.04
CA GLN A 35 -7.90 -31.43 40.02
C GLN A 35 -7.52 -30.07 39.43
N ASP A 36 -7.04 -30.05 38.19
CA ASP A 36 -6.69 -28.79 37.55
C ASP A 36 -7.84 -28.18 36.76
N THR A 37 -9.07 -28.59 36.99
CA THR A 37 -10.14 -28.02 36.20
C THR A 37 -11.26 -27.36 36.99
N PHE A 38 -11.85 -26.36 36.36
CA PHE A 38 -13.02 -25.69 36.87
C PHE A 38 -13.92 -25.37 35.68
N SER A 39 -15.10 -24.82 35.96
CA SER A 39 -16.04 -24.48 34.93
C SER A 39 -16.45 -23.05 35.12
N VAL A 40 -16.86 -22.43 34.04
CA VAL A 40 -17.37 -21.07 34.06
C VAL A 40 -18.41 -21.01 32.99
N ALA A 41 -19.53 -20.38 33.30
CA ALA A 41 -20.50 -20.01 32.28
C ALA A 41 -20.47 -18.49 32.13
N VAL A 42 -20.46 -18.01 30.91
CA VAL A 42 -20.57 -16.58 30.70
C VAL A 42 -21.75 -16.24 29.80
N SER A 43 -22.44 -15.15 30.14
CA SER A 43 -23.54 -14.62 29.36
C SER A 43 -23.07 -14.18 27.98
N PHE A 44 -23.88 -14.45 26.98
CA PHE A 44 -23.58 -13.98 25.64
C PHE A 44 -23.94 -12.52 25.51
N LEU A 45 -24.83 -12.06 26.38
CA LEU A 45 -25.26 -10.66 26.37
C LEU A 45 -24.22 -9.69 26.92
N THR A 46 -23.43 -10.10 27.90
CA THR A 46 -22.53 -9.16 28.58
C THR A 46 -21.13 -9.69 28.81
N GLY A 47 -20.91 -10.96 28.50
CA GLY A 47 -19.68 -11.61 28.91
C GLY A 47 -19.50 -11.61 30.41
N ARG A 48 -20.58 -11.54 31.18
CA ARG A 48 -20.45 -11.59 32.62
C ARG A 48 -20.48 -13.04 33.06
N ILE A 49 -19.71 -13.37 34.10
CA ILE A 49 -19.70 -14.72 34.64
C ILE A 49 -20.96 -15.04 35.43
N VAL A 50 -21.79 -15.93 34.90
CA VAL A 50 -23.04 -16.33 35.54
C VAL A 50 -22.84 -17.43 36.59
N TYR A 51 -21.83 -18.27 36.39
CA TYR A 51 -21.50 -19.33 37.30
C TYR A 51 -20.02 -19.71 37.17
N ILE A 52 -19.29 -19.63 38.28
CA ILE A 52 -17.96 -20.20 38.33
C ILE A 52 -17.99 -21.29 39.39
N SER A 53 -17.31 -22.39 39.13
CA SER A 53 -17.38 -23.57 39.99
C SER A 53 -16.35 -23.53 41.12
N GLU A 54 -16.60 -24.29 42.18
CA GLU A 54 -15.79 -24.24 43.40
C GLU A 54 -14.25 -24.28 43.21
N GLN A 55 -13.78 -25.01 42.21
CA GLN A 55 -12.33 -25.20 42.02
C GLN A 55 -11.56 -23.95 41.57
N ALA A 56 -12.27 -22.97 41.00
CA ALA A 56 -11.65 -21.80 40.40
C ALA A 56 -10.87 -21.00 41.43
N GLY A 57 -11.50 -20.74 42.56
CA GLY A 57 -10.85 -20.04 43.65
C GLY A 57 -9.61 -20.78 44.07
N VAL A 58 -9.74 -22.10 44.18
CA VAL A 58 -8.62 -22.96 44.53
C VAL A 58 -7.51 -22.83 43.49
N LEU A 59 -7.83 -23.08 42.22
CA LEU A 59 -6.84 -22.95 41.15
C LEU A 59 -6.34 -21.52 40.95
N LEU A 60 -7.24 -20.53 41.04
CA LEU A 60 -6.86 -19.13 40.78
C LEU A 60 -6.38 -18.37 42.03
N ARG A 61 -6.17 -19.08 43.13
CA ARG A 61 -5.68 -18.44 44.35
C ARG A 61 -6.36 -17.09 44.55
N CYS A 62 -7.68 -17.13 44.72
CA CYS A 62 -8.47 -15.94 44.97
C CYS A 62 -9.85 -16.36 45.46
N LYS A 63 -10.50 -15.47 46.21
CA LYS A 63 -11.82 -15.75 46.79
C LYS A 63 -12.89 -15.77 45.71
N ARG A 64 -14.01 -16.42 45.99
CA ARG A 64 -15.11 -16.52 45.05
C ARG A 64 -15.94 -15.24 45.13
N ASP A 65 -15.54 -14.35 46.04
CA ASP A 65 -16.19 -13.06 46.22
C ASP A 65 -15.98 -12.20 44.99
N VAL A 66 -14.72 -11.88 44.71
CA VAL A 66 -14.36 -11.10 43.52
C VAL A 66 -14.46 -11.95 42.27
N PHE A 67 -15.63 -12.57 42.09
CA PHE A 67 -15.91 -13.38 40.92
C PHE A 67 -17.22 -12.97 40.24
N ARG A 68 -18.29 -13.69 40.58
CA ARG A 68 -19.56 -13.50 39.89
C ARG A 68 -19.82 -12.02 39.55
N GLY A 69 -20.21 -11.77 38.30
CA GLY A 69 -20.46 -10.42 37.82
C GLY A 69 -19.27 -9.79 37.12
N ALA A 70 -18.16 -10.53 37.08
CA ALA A 70 -16.97 -10.08 36.36
C ALA A 70 -17.11 -10.43 34.90
N ARG A 71 -16.55 -9.58 34.04
CA ARG A 71 -16.52 -9.87 32.62
C ARG A 71 -15.35 -10.80 32.44
N PHE A 72 -15.66 -12.04 32.07
CA PHE A 72 -14.66 -13.08 32.09
C PHE A 72 -13.42 -12.68 31.27
N SER A 73 -13.63 -12.12 30.09
CA SER A 73 -12.56 -11.54 29.29
C SER A 73 -11.53 -10.76 30.11
N GLU A 74 -12.02 -9.95 31.05
CA GLU A 74 -11.16 -9.11 31.89
C GLU A 74 -10.22 -9.88 32.82
N LEU A 75 -10.42 -11.18 32.95
CA LEU A 75 -9.54 -12.02 33.77
C LEU A 75 -8.39 -12.63 32.97
N LEU A 76 -8.49 -12.49 31.65
CA LEU A 76 -7.53 -13.00 30.71
C LEU A 76 -6.37 -12.04 30.55
N ALA A 77 -5.27 -12.51 29.98
CA ALA A 77 -4.24 -11.58 29.55
C ALA A 77 -4.67 -10.99 28.21
N PRO A 78 -4.37 -9.72 27.99
CA PRO A 78 -4.91 -9.03 26.81
C PRO A 78 -4.59 -9.75 25.51
N GLN A 79 -3.38 -10.29 25.41
CA GLN A 79 -2.98 -11.10 24.26
C GLN A 79 -3.83 -12.38 24.05
N ASP A 80 -4.43 -12.89 25.13
CA ASP A 80 -5.18 -14.12 25.02
C ASP A 80 -6.66 -13.86 24.71
N VAL A 81 -7.07 -12.62 24.97
CA VAL A 81 -8.42 -12.11 24.72
C VAL A 81 -8.96 -12.31 23.29
N GLY A 82 -8.09 -12.12 22.30
CA GLY A 82 -8.45 -12.30 20.91
C GLY A 82 -8.78 -13.73 20.52
N VAL A 83 -7.90 -14.67 20.82
CA VAL A 83 -8.19 -16.09 20.59
C VAL A 83 -9.41 -16.64 21.37
N PHE A 84 -9.73 -16.00 22.49
CA PHE A 84 -10.96 -16.31 23.23
C PHE A 84 -12.23 -15.96 22.44
N TYR A 85 -12.35 -14.70 22.05
CA TYR A 85 -13.54 -14.30 21.31
C TYR A 85 -13.62 -15.07 20.01
N GLY A 86 -12.49 -15.50 19.50
CA GLY A 86 -12.48 -16.23 18.25
C GLY A 86 -13.29 -17.52 18.33
N SER A 87 -13.12 -18.25 19.42
CA SER A 87 -13.62 -19.63 19.53
C SER A 87 -14.90 -19.73 20.33
N THR A 88 -15.29 -18.63 20.97
CA THR A 88 -16.54 -18.57 21.70
C THR A 88 -17.60 -17.90 20.81
N THR A 89 -17.49 -18.14 19.50
CA THR A 89 -18.53 -17.72 18.56
C THR A 89 -19.75 -18.60 18.71
N PRO A 90 -20.88 -18.01 19.17
CA PRO A 90 -22.16 -18.70 19.31
C PRO A 90 -22.43 -19.77 18.26
N SER A 91 -22.09 -19.46 17.01
CA SER A 91 -22.39 -20.32 15.86
C SER A 91 -21.47 -21.54 15.71
N ARG A 92 -20.20 -21.39 16.07
CA ARG A 92 -19.23 -22.48 15.93
C ARG A 92 -19.10 -23.37 17.17
N LEU A 93 -19.80 -23.00 18.24
CA LEU A 93 -19.68 -23.70 19.52
C LEU A 93 -20.49 -24.98 19.52
N PRO A 94 -19.94 -26.05 20.13
CA PRO A 94 -20.69 -27.29 20.28
C PRO A 94 -21.59 -27.20 21.49
N THR A 95 -22.75 -27.85 21.43
CA THR A 95 -23.70 -27.82 22.53
C THR A 95 -23.29 -28.84 23.59
N TRP A 96 -23.45 -28.44 24.86
CA TRP A 96 -22.92 -29.21 25.96
C TRP A 96 -23.62 -30.55 26.18
N GLY A 97 -22.87 -31.64 26.07
CA GLY A 97 -23.37 -32.96 26.47
C GLY A 97 -24.32 -33.61 25.49
N THR A 98 -24.19 -33.23 24.22
CA THR A 98 -25.00 -33.82 23.16
C THR A 98 -24.24 -33.76 21.84
N GLU A 112 -13.53 -30.67 21.92
CA GLU A 112 -14.40 -30.03 20.92
C GLU A 112 -13.80 -28.73 20.38
N LYS A 113 -12.46 -28.67 20.43
CA LYS A 113 -11.66 -27.59 19.84
C LYS A 113 -11.42 -26.39 20.76
N SER A 114 -10.33 -26.51 21.52
CA SER A 114 -9.97 -25.59 22.59
C SER A 114 -8.92 -24.56 22.22
N VAL A 115 -8.72 -23.60 23.13
CA VAL A 115 -7.68 -22.61 23.02
C VAL A 115 -7.02 -22.49 24.37
N PHE A 116 -5.94 -21.74 24.45
CA PHE A 116 -5.16 -21.63 25.67
C PHE A 116 -5.08 -20.18 26.10
N CYS A 117 -5.51 -19.86 27.31
CA CYS A 117 -5.47 -18.47 27.77
C CYS A 117 -4.86 -18.44 29.16
N ARG A 118 -4.06 -17.43 29.45
CA ARG A 118 -3.59 -17.24 30.80
C ARG A 118 -4.65 -16.46 31.56
N ILE A 119 -4.91 -16.92 32.78
CA ILE A 119 -5.96 -16.35 33.61
C ILE A 119 -5.43 -15.73 34.90
N ARG A 120 -5.90 -14.51 35.17
CA ARG A 120 -5.42 -13.70 36.29
C ARG A 120 -5.74 -14.40 37.62
N GLY A 121 -4.80 -14.34 38.56
CA GLY A 121 -4.95 -15.08 39.81
C GLY A 121 -4.66 -14.26 41.05
N GLY A 122 -3.58 -14.61 41.76
CA GLY A 122 -3.25 -13.93 43.00
C GLY A 122 -1.94 -14.34 43.62
N ARG A 130 0.89 -14.34 39.41
CA ARG A 130 -0.14 -13.66 38.64
C ARG A 130 -0.96 -14.63 37.80
N TYR A 131 -0.80 -14.55 36.48
CA TYR A 131 -1.58 -15.36 35.54
C TYR A 131 -1.21 -16.84 35.56
N GLN A 132 -2.19 -17.68 35.24
CA GLN A 132 -1.90 -19.07 35.01
C GLN A 132 -2.50 -19.52 33.70
N PRO A 133 -1.83 -20.47 33.07
CA PRO A 133 -2.19 -21.09 31.79
C PRO A 133 -3.30 -22.14 31.89
N PHE A 134 -4.33 -21.97 31.08
CA PHE A 134 -5.43 -22.90 31.07
C PHE A 134 -5.81 -23.30 29.64
N ARG A 135 -6.15 -24.57 29.47
CA ARG A 135 -6.79 -25.01 28.25
C ARG A 135 -8.25 -24.75 28.43
N LEU A 136 -8.81 -23.96 27.52
CA LEU A 136 -10.23 -23.61 27.55
C LEU A 136 -11.03 -24.32 26.47
N THR A 137 -11.92 -25.20 26.88
CA THR A 137 -12.78 -25.89 25.94
C THR A 137 -14.20 -25.36 26.06
N PRO A 138 -14.58 -24.46 25.15
CA PRO A 138 -15.86 -23.73 25.25
C PRO A 138 -17.00 -24.52 24.65
N TYR A 139 -18.18 -24.38 25.24
CA TYR A 139 -19.41 -25.01 24.77
C TYR A 139 -20.57 -24.02 24.87
N VAL A 140 -21.74 -24.40 24.34
CA VAL A 140 -22.95 -23.61 24.51
C VAL A 140 -24.00 -24.38 25.32
N THR A 141 -24.84 -23.67 26.06
CA THR A 141 -25.92 -24.33 26.78
C THR A 141 -26.95 -23.33 27.34
N LYS A 142 -28.01 -23.84 27.97
CA LYS A 142 -29.02 -22.98 28.61
C LYS A 142 -29.00 -23.08 30.15
N ILE A 143 -28.80 -21.95 30.81
CA ILE A 143 -28.63 -21.90 32.26
C ILE A 143 -29.72 -21.03 32.92
N ARG A 144 -30.22 -21.47 34.08
CA ARG A 144 -31.33 -20.77 34.70
C ARG A 144 -30.93 -19.79 35.80
N VAL A 145 -30.39 -20.29 36.92
CA VAL A 145 -30.11 -19.48 38.12
C VAL A 145 -31.37 -19.19 38.95
N ALA A 149 -35.30 -18.43 36.96
CA ALA A 149 -36.46 -19.22 36.56
C ALA A 149 -36.79 -19.15 35.06
N PRO A 150 -36.35 -18.08 34.35
CA PRO A 150 -36.31 -18.11 32.88
C PRO A 150 -34.93 -18.52 32.35
N ALA A 151 -34.87 -19.10 31.16
CA ALA A 151 -33.63 -19.75 30.70
C ALA A 151 -32.84 -18.90 29.70
N GLN A 152 -31.52 -18.88 29.86
CA GLN A 152 -30.65 -17.95 29.12
C GLN A 152 -29.41 -18.63 28.53
N PRO A 153 -29.23 -18.59 27.20
CA PRO A 153 -28.03 -19.22 26.65
C PRO A 153 -26.72 -18.58 27.14
N CYS A 154 -25.74 -19.42 27.44
CA CYS A 154 -24.50 -19.00 28.07
C CYS A 154 -23.39 -19.77 27.40
N CYS A 155 -22.17 -19.23 27.40
CA CYS A 155 -21.04 -20.03 27.00
C CYS A 155 -20.47 -20.77 28.22
N LEU A 156 -20.47 -22.10 28.16
CA LEU A 156 -19.89 -22.88 29.23
C LEU A 156 -18.46 -23.30 28.87
N LEU A 157 -17.54 -23.13 29.80
CA LEU A 157 -16.10 -23.36 29.53
C LEU A 157 -15.49 -24.41 30.44
N ILE A 158 -14.82 -25.39 29.86
CA ILE A 158 -14.00 -26.30 30.67
C ILE A 158 -12.56 -25.82 30.72
N ALA A 159 -12.15 -25.32 31.88
CA ALA A 159 -10.79 -24.83 32.06
C ALA A 159 -9.87 -25.84 32.78
N GLU A 160 -8.80 -26.26 32.12
CA GLU A 160 -7.82 -27.20 32.68
C GLU A 160 -6.42 -26.57 32.77
N ARG A 161 -5.86 -26.43 33.97
CA ARG A 161 -4.53 -25.86 34.13
C ARG A 161 -3.47 -26.64 33.40
N ILE A 162 -2.70 -25.92 32.60
CA ILE A 162 -1.53 -26.44 31.93
C ILE A 162 -0.34 -26.40 32.91
N HIS A 163 0.47 -27.46 32.87
CA HIS A 163 1.68 -27.59 33.70
C HIS A 163 2.97 -27.74 32.89
N SER A 164 4.09 -27.42 33.54
CA SER A 164 5.42 -27.68 32.99
C SER A 164 5.57 -29.15 32.66
N GLY A 165 6.45 -29.43 31.71
CA GLY A 165 6.81 -30.79 31.38
C GLY A 165 7.96 -31.20 32.28
N TYR A 166 8.62 -30.19 32.85
CA TYR A 166 9.70 -30.43 33.77
C TYR A 166 9.14 -30.49 35.18
N GLU A 167 7.95 -31.08 35.30
CA GLU A 167 7.29 -31.20 36.58
C GLU A 167 6.41 -32.43 36.65
N ALA A 168 6.38 -33.02 37.84
CA ALA A 168 5.55 -34.17 38.14
C ALA A 168 4.10 -33.87 37.80
N PRO A 169 3.49 -34.64 36.89
CA PRO A 169 3.99 -35.70 35.98
C PRO A 169 4.93 -35.20 34.89
N ARG A 170 6.24 -35.36 35.06
CA ARG A 170 7.20 -34.97 34.03
C ARG A 170 6.92 -35.65 32.72
N ILE A 171 7.26 -34.96 31.65
CA ILE A 171 7.25 -35.56 30.32
C ILE A 171 8.57 -36.32 30.20
N PRO A 172 8.50 -37.62 29.87
CA PRO A 172 9.70 -38.44 29.73
C PRO A 172 10.68 -37.80 28.75
N PRO A 173 11.95 -37.65 29.14
CA PRO A 173 12.95 -37.00 28.29
C PRO A 173 12.83 -37.32 26.80
N ASP A 174 12.78 -38.61 26.47
CA ASP A 174 12.77 -39.08 25.09
C ASP A 174 11.47 -38.75 24.39
N LYS A 175 10.54 -38.16 25.12
CA LYS A 175 9.28 -37.70 24.55
C LYS A 175 9.14 -36.18 24.63
N ARG A 176 10.21 -35.52 25.06
CA ARG A 176 10.20 -34.07 25.17
C ARG A 176 10.45 -33.41 23.83
N ILE A 177 9.44 -33.52 22.96
CA ILE A 177 9.56 -33.07 21.60
C ILE A 177 8.39 -32.17 21.22
N PHE A 178 8.66 -31.20 20.36
CA PHE A 178 7.60 -30.40 19.78
C PHE A 178 7.95 -30.19 18.30
N THR A 179 6.95 -29.98 17.47
CA THR A 179 7.22 -29.69 16.07
C THR A 179 6.88 -28.23 15.73
N THR A 180 7.62 -27.66 14.77
CA THR A 180 7.36 -26.30 14.31
C THR A 180 7.30 -26.23 12.81
N ARG A 181 6.53 -25.27 12.32
CA ARG A 181 6.49 -24.99 10.89
C ARG A 181 6.57 -23.47 10.65
N HIS A 182 7.48 -23.06 9.78
CA HIS A 182 7.61 -21.62 9.46
C HIS A 182 7.77 -21.32 7.98
N THR A 183 7.29 -20.15 7.61
CA THR A 183 7.30 -19.65 6.23
C THR A 183 8.70 -19.31 5.73
N PRO A 184 8.85 -19.18 4.41
CA PRO A 184 10.17 -18.79 3.89
C PRO A 184 10.63 -17.40 4.38
N SER A 185 9.71 -16.52 4.75
CA SER A 185 10.05 -15.26 5.43
C SER A 185 10.44 -15.42 6.91
N CYS A 186 10.41 -16.65 7.39
CA CYS A 186 10.79 -16.99 8.77
C CYS A 186 9.78 -16.56 9.84
N LEU A 187 8.51 -16.74 9.56
CA LEU A 187 7.50 -16.53 10.58
C LEU A 187 6.85 -17.85 10.93
N PHE A 188 6.70 -18.11 12.23
CA PHE A 188 6.01 -19.32 12.67
C PHE A 188 4.62 -19.37 12.06
N GLN A 189 4.35 -20.44 11.32
CA GLN A 189 3.07 -20.64 10.67
C GLN A 189 2.26 -21.62 11.50
N ASP A 190 2.97 -22.47 12.21
CA ASP A 190 2.33 -23.41 13.07
C ASP A 190 3.29 -23.89 14.14
N VAL A 191 2.76 -24.15 15.32
CA VAL A 191 3.52 -24.81 16.34
C VAL A 191 2.71 -25.83 17.08
N ASP A 192 3.39 -26.89 17.45
CA ASP A 192 2.85 -27.99 18.23
C ASP A 192 2.53 -27.57 19.64
N GLU A 193 1.47 -28.16 20.20
CA GLU A 193 1.04 -27.82 21.54
C GLU A 193 2.04 -28.22 22.62
N ARG A 194 2.99 -29.10 22.28
CA ARG A 194 4.03 -29.51 23.21
C ARG A 194 4.96 -28.36 23.52
N ALA A 195 4.96 -27.39 22.63
CA ALA A 195 5.67 -26.14 22.85
C ALA A 195 5.34 -25.51 24.20
N ALA A 196 4.07 -25.55 24.61
CA ALA A 196 3.69 -24.88 25.85
C ALA A 196 4.36 -25.45 27.13
N PRO A 197 4.17 -26.77 27.41
CA PRO A 197 4.84 -27.43 28.53
C PRO A 197 6.37 -27.44 28.47
N LEU A 198 6.93 -27.23 27.29
CA LEU A 198 8.37 -27.21 27.18
C LEU A 198 9.02 -25.81 27.17
N LEU A 199 8.30 -24.77 26.76
CA LEU A 199 8.89 -23.43 26.68
C LEU A 199 8.03 -22.31 27.29
N GLY A 200 6.75 -22.53 27.48
CA GLY A 200 5.97 -21.56 28.21
C GLY A 200 5.02 -20.77 27.33
N TYR A 201 5.05 -21.06 26.05
CA TYR A 201 4.34 -20.23 25.08
C TYR A 201 3.04 -20.88 24.65
N LEU A 202 1.96 -20.12 24.66
CA LEU A 202 0.74 -20.60 24.02
C LEU A 202 0.84 -20.38 22.51
N PRO A 203 0.04 -21.11 21.72
CA PRO A 203 0.11 -20.95 20.26
C PRO A 203 0.10 -19.49 19.75
N GLN A 204 -0.79 -18.63 20.27
CA GLN A 204 -0.82 -17.21 19.88
C GLN A 204 0.49 -16.43 20.05
N ASP A 205 1.32 -16.84 21.01
CA ASP A 205 2.59 -16.19 21.27
C ASP A 205 3.57 -16.29 20.11
N LEU A 206 3.42 -17.37 19.34
CA LEU A 206 4.37 -17.68 18.28
C LEU A 206 3.79 -17.46 16.87
N LEU A 207 2.53 -17.85 16.65
CA LEU A 207 1.93 -17.75 15.32
C LEU A 207 2.02 -16.33 14.79
N GLY A 208 2.75 -16.18 13.69
CA GLY A 208 2.92 -14.91 13.03
C GLY A 208 4.20 -14.21 13.41
N ALA A 209 4.88 -14.70 14.44
CA ALA A 209 6.07 -14.07 14.99
C ALA A 209 7.38 -14.64 14.41
N PRO A 210 8.47 -13.90 14.61
CA PRO A 210 9.74 -14.29 13.98
C PRO A 210 10.47 -15.44 14.65
N VAL A 211 10.52 -16.57 13.97
CA VAL A 211 11.30 -17.70 14.42
C VAL A 211 12.58 -17.25 15.09
N LEU A 212 13.39 -16.43 14.40
CA LEU A 212 14.75 -16.13 14.86
C LEU A 212 14.81 -15.37 16.17
N LEU A 213 13.69 -14.76 16.55
CA LEU A 213 13.60 -14.01 17.79
C LEU A 213 13.58 -14.92 19.01
N PHE A 214 13.05 -16.13 18.83
CA PHE A 214 12.92 -17.08 19.92
C PHE A 214 14.20 -17.90 20.09
N LEU A 215 15.19 -17.55 19.28
CA LEU A 215 16.46 -18.23 19.31
C LEU A 215 17.47 -17.39 20.02
N HIS A 216 18.52 -18.03 20.51
CA HIS A 216 19.64 -17.33 21.11
C HIS A 216 20.34 -16.49 20.03
N PRO A 217 20.61 -15.20 20.34
CA PRO A 217 21.32 -14.29 19.41
C PRO A 217 22.49 -14.96 18.72
N GLU A 218 23.21 -15.79 19.48
CA GLU A 218 24.43 -16.43 19.02
C GLU A 218 24.18 -17.56 18.02
N ASP A 219 22.98 -18.14 18.08
CA ASP A 219 22.66 -19.27 17.19
C ASP A 219 21.82 -18.83 15.98
N ARG A 220 21.43 -17.56 15.95
CA ARG A 220 20.72 -17.02 14.79
C ARG A 220 21.45 -17.15 13.46
N PRO A 221 22.75 -16.84 13.43
CA PRO A 221 23.42 -16.95 12.12
C PRO A 221 23.43 -18.39 11.64
N LEU A 222 23.21 -19.33 12.56
CA LEU A 222 23.18 -20.77 12.29
C LEU A 222 22.07 -21.17 11.33
N MET A 223 20.97 -20.46 11.41
CA MET A 223 19.81 -20.71 10.56
C MET A 223 20.12 -20.61 9.07
N LEU A 224 20.85 -19.58 8.68
CA LEU A 224 21.38 -19.48 7.32
C LEU A 224 21.92 -20.82 6.80
N ALA A 225 22.86 -21.41 7.53
CA ALA A 225 23.47 -22.66 7.10
C ALA A 225 22.45 -23.77 7.01
N ILE A 226 21.54 -23.82 7.99
CA ILE A 226 20.48 -24.82 8.03
C ILE A 226 19.57 -24.69 6.81
N HIS A 227 19.27 -23.46 6.46
CA HIS A 227 18.41 -23.21 5.31
C HIS A 227 19.09 -23.49 3.93
N LYS A 228 20.40 -23.37 3.87
CA LYS A 228 21.15 -23.93 2.76
C LYS A 228 21.13 -25.48 2.72
N LYS A 229 21.33 -26.15 3.84
CA LYS A 229 21.29 -27.62 3.86
C LYS A 229 19.91 -28.12 3.49
N ILE A 230 18.89 -27.33 3.81
CA ILE A 230 17.53 -27.68 3.42
C ILE A 230 17.46 -27.48 1.91
N LEU A 231 18.10 -26.42 1.44
CA LEU A 231 18.12 -26.09 0.03
C LEU A 231 19.15 -26.97 -0.70
N GLN A 232 19.80 -27.86 0.04
CA GLN A 232 20.68 -28.86 -0.57
C GLN A 232 19.88 -30.12 -0.87
N LEU A 233 18.63 -30.11 -0.46
CA LEU A 233 17.84 -31.33 -0.38
C LEU A 233 16.35 -31.02 -0.37
N ALA A 234 15.64 -31.61 -1.32
CA ALA A 234 14.22 -31.32 -1.50
C ALA A 234 13.34 -31.63 -0.28
N GLY A 235 13.93 -31.77 0.89
CA GLY A 235 13.10 -31.96 2.07
C GLY A 235 13.28 -33.24 2.86
N GLN A 236 14.30 -34.02 2.53
CA GLN A 236 14.68 -35.11 3.42
C GLN A 236 15.18 -34.44 4.68
N PRO A 237 14.87 -35.02 5.85
CA PRO A 237 15.20 -34.45 7.16
C PRO A 237 16.70 -34.53 7.45
N PHE A 238 17.22 -33.60 8.26
CA PHE A 238 18.61 -33.72 8.70
C PHE A 238 18.81 -33.23 10.14
N ASP A 239 19.37 -34.11 10.96
CA ASP A 239 19.65 -33.78 12.35
C ASP A 239 20.75 -32.72 12.44
N HIS A 240 20.58 -31.76 13.33
CA HIS A 240 21.63 -30.81 13.65
C HIS A 240 21.43 -30.16 15.01
N SER A 241 21.83 -30.88 16.05
CA SER A 241 21.97 -30.27 17.35
C SER A 241 23.22 -29.38 17.32
N PRO A 242 23.31 -28.40 18.24
CA PRO A 242 22.26 -27.99 19.15
C PRO A 242 21.85 -26.55 18.84
N ILE A 243 20.63 -26.17 19.21
CA ILE A 243 20.13 -24.82 19.03
C ILE A 243 19.47 -24.49 20.33
N ARG A 244 19.56 -23.23 20.74
CA ARG A 244 18.98 -22.79 22.00
C ARG A 244 17.78 -21.87 21.81
N PHE A 245 16.68 -22.20 22.48
CA PHE A 245 15.43 -21.43 22.38
C PHE A 245 15.22 -20.71 23.70
N CYS A 246 14.67 -19.51 23.66
CA CYS A 246 14.37 -18.81 24.89
C CYS A 246 13.08 -19.43 25.44
N ALA A 247 12.86 -19.40 26.75
CA ALA A 247 11.76 -20.16 27.32
C ALA A 247 10.66 -19.31 27.97
N ARG A 248 10.58 -18.05 27.59
CA ARG A 248 9.49 -17.20 28.08
C ARG A 248 9.65 -16.82 29.53
N ASN A 249 10.65 -17.39 30.19
CA ASN A 249 10.74 -17.34 31.64
C ASN A 249 12.00 -16.76 32.31
N GLY A 250 12.96 -16.19 31.60
CA GLY A 250 13.19 -16.36 30.18
C GLY A 250 14.54 -17.05 30.09
N GLU A 251 14.52 -18.37 30.20
CA GLU A 251 15.70 -19.19 30.24
C GLU A 251 15.99 -19.85 28.87
N TYR A 252 17.21 -20.28 28.62
CA TYR A 252 17.53 -20.91 27.35
C TYR A 252 17.49 -22.42 27.48
N VAL A 253 16.88 -23.07 26.50
CA VAL A 253 16.77 -24.50 26.52
C VAL A 253 17.39 -25.03 25.27
N THR A 254 18.45 -25.81 25.43
CA THR A 254 19.15 -26.44 24.31
C THR A 254 18.37 -27.59 23.69
N MET A 255 18.20 -27.54 22.37
CA MET A 255 17.42 -28.52 21.64
C MET A 255 18.26 -29.30 20.64
N ASP A 256 17.90 -30.55 20.42
CA ASP A 256 18.46 -31.29 19.31
C ASP A 256 17.44 -31.18 18.21
N THR A 257 17.81 -30.49 17.15
CA THR A 257 16.86 -30.17 16.10
C THR A 257 17.12 -30.98 14.86
N SER A 258 16.09 -31.11 14.04
CA SER A 258 16.27 -31.60 12.70
C SER A 258 15.34 -30.77 11.84
N TRP A 259 15.63 -30.66 10.55
CA TRP A 259 14.84 -29.82 9.68
C TRP A 259 14.50 -30.48 8.36
N ALA A 260 13.43 -30.00 7.74
CA ALA A 260 13.03 -30.49 6.43
C ALA A 260 12.12 -29.49 5.75
N GLY A 261 12.51 -29.05 4.56
CA GLY A 261 11.63 -28.20 3.79
C GLY A 261 10.54 -28.98 3.11
N PHE A 262 9.42 -28.32 2.82
CA PHE A 262 8.39 -28.87 1.96
C PHE A 262 8.45 -28.20 0.58
N VAL A 263 9.09 -28.86 -0.39
CA VAL A 263 9.04 -28.42 -1.77
C VAL A 263 7.59 -28.32 -2.20
N HIS A 264 7.17 -27.14 -2.61
CA HIS A 264 5.80 -26.93 -3.05
C HIS A 264 5.58 -27.62 -4.40
N PRO A 265 4.67 -28.60 -4.44
CA PRO A 265 4.43 -29.38 -5.66
C PRO A 265 4.46 -28.52 -6.92
N TRP A 266 3.65 -27.48 -6.94
CA TRP A 266 3.45 -26.64 -8.12
C TRP A 266 4.47 -25.52 -8.30
N SER A 267 5.27 -25.25 -7.29
CA SER A 267 6.26 -24.18 -7.36
C SER A 267 7.65 -24.76 -7.57
N ARG A 268 7.88 -25.93 -7.00
CA ARG A 268 9.20 -26.53 -6.98
C ARG A 268 10.16 -25.72 -6.10
N LYS A 269 9.63 -24.70 -5.43
CA LYS A 269 10.38 -24.00 -4.39
C LYS A 269 10.02 -24.58 -3.00
N VAL A 270 10.83 -24.27 -2.00
CA VAL A 270 10.47 -24.62 -0.62
C VAL A 270 9.31 -23.76 -0.15
N ALA A 271 8.19 -24.38 0.19
CA ALA A 271 7.03 -23.62 0.67
C ALA A 271 7.01 -23.34 2.19
N PHE A 272 7.61 -24.23 2.98
CA PHE A 272 7.81 -23.97 4.41
C PHE A 272 8.77 -24.97 5.06
N VAL A 273 9.42 -24.56 6.13
CA VAL A 273 10.39 -25.43 6.82
C VAL A 273 9.75 -26.16 8.00
N LEU A 274 10.23 -27.36 8.28
CA LEU A 274 9.74 -28.15 9.41
C LEU A 274 10.88 -28.43 10.35
N GLY A 275 10.61 -28.31 11.64
CA GLY A 275 11.62 -28.62 12.63
C GLY A 275 11.02 -29.62 13.60
N ARG A 276 11.86 -30.54 14.06
CA ARG A 276 11.47 -31.51 15.05
C ARG A 276 12.53 -31.50 16.12
N HIS A 277 12.20 -30.90 17.23
CA HIS A 277 13.20 -30.56 18.23
C HIS A 277 12.99 -31.35 19.50
N LYS A 278 14.09 -31.83 20.07
CA LYS A 278 14.03 -32.56 21.31
C LYS A 278 14.86 -31.79 22.33
N VAL A 279 14.28 -31.60 23.51
CA VAL A 279 14.98 -30.96 24.62
C VAL A 279 16.22 -31.74 25.03
N ARG A 280 17.37 -31.07 24.94
CA ARG A 280 18.67 -31.67 25.24
C ARG A 280 18.89 -31.67 26.73
N THR A 281 18.73 -30.50 27.33
CA THR A 281 18.79 -30.33 28.78
C THR A 281 17.60 -29.48 29.24
N ALA A 282 16.99 -29.87 30.34
CA ALA A 282 15.90 -29.11 30.96
C ALA A 282 16.41 -27.80 31.59
N PRO A 283 15.55 -26.77 31.65
CA PRO A 283 15.98 -25.54 32.32
C PRO A 283 16.08 -25.71 33.83
N LEU A 284 16.94 -24.93 34.49
CA LEU A 284 17.00 -24.97 35.94
C LEU A 284 15.67 -24.54 36.55
N ASN A 285 15.08 -23.51 35.96
CA ASN A 285 13.77 -22.99 36.33
C ASN A 285 12.74 -23.84 35.62
N GLU A 286 12.00 -24.62 36.39
CA GLU A 286 11.04 -25.56 35.85
C GLU A 286 9.77 -24.83 35.37
N ASP A 287 9.52 -23.68 35.98
CA ASP A 287 8.32 -22.89 35.68
C ASP A 287 8.50 -22.00 34.46
N VAL A 288 8.37 -22.60 33.27
CA VAL A 288 8.64 -21.90 32.02
C VAL A 288 7.51 -20.97 31.57
N PHE A 289 6.34 -21.12 32.17
CA PHE A 289 5.21 -20.28 31.78
C PHE A 289 5.32 -18.83 32.23
N THR A 290 5.92 -18.62 33.39
CA THR A 290 5.93 -17.30 34.02
C THR A 290 7.15 -16.44 33.67
N PRO A 291 6.89 -15.25 33.09
CA PRO A 291 7.89 -14.37 32.48
C PRO A 291 8.78 -13.67 33.50
N PRO A 292 9.94 -13.17 33.07
CA PRO A 292 10.85 -12.45 33.97
C PRO A 292 10.15 -11.23 34.59
N ASP A 301 18.98 -7.66 19.13
CA ASP A 301 19.24 -6.63 18.13
C ASP A 301 18.57 -6.96 16.80
N SER A 302 18.70 -6.04 15.83
CA SER A 302 18.07 -6.21 14.53
C SER A 302 18.90 -7.09 13.61
N ASP A 303 19.53 -8.09 14.19
CA ASP A 303 20.06 -9.17 13.40
C ASP A 303 18.84 -9.84 12.78
N ILE A 304 17.71 -9.65 13.45
CA ILE A 304 16.49 -10.39 13.14
C ILE A 304 15.82 -10.01 11.82
N GLN A 305 15.66 -8.72 11.54
CA GLN A 305 15.06 -8.29 10.27
C GLN A 305 15.99 -8.71 9.14
N GLU A 306 17.29 -8.62 9.40
CA GLU A 306 18.29 -8.88 8.39
C GLU A 306 18.34 -10.33 7.98
N LEU A 307 18.72 -11.21 8.90
CA LEU A 307 18.91 -12.63 8.58
C LEU A 307 17.67 -13.25 7.94
N SER A 308 16.51 -12.85 8.40
CA SER A 308 15.28 -13.38 7.86
C SER A 308 15.19 -13.13 6.37
N GLU A 309 15.32 -11.86 5.99
CA GLU A 309 15.24 -11.49 4.58
C GLU A 309 16.28 -12.26 3.78
N GLN A 310 17.50 -12.36 4.31
CA GLN A 310 18.52 -13.22 3.72
C GLN A 310 18.00 -14.65 3.47
N ILE A 311 17.46 -15.29 4.53
CA ILE A 311 16.96 -16.67 4.46
C ILE A 311 15.85 -16.82 3.44
N HIS A 312 14.90 -15.89 3.51
CA HIS A 312 13.81 -15.83 2.55
C HIS A 312 14.32 -15.80 1.11
N ARG A 313 15.21 -14.85 0.80
CA ARG A 313 15.88 -14.78 -0.50
C ARG A 313 16.34 -16.16 -0.97
N LEU A 314 17.08 -16.84 -0.11
CA LEU A 314 17.52 -18.20 -0.38
C LEU A 314 16.39 -19.06 -0.87
N LEU A 315 15.24 -18.99 -0.21
CA LEU A 315 14.20 -19.96 -0.49
C LEU A 315 13.45 -19.65 -1.79
N LEU A 316 13.80 -18.52 -2.40
CA LEU A 316 13.25 -18.16 -3.70
C LEU A 316 13.81 -19.07 -4.76
N GLN A 317 15.01 -19.58 -4.51
CA GLN A 317 15.69 -20.51 -5.40
C GLN A 317 14.78 -21.64 -5.89
N PRO A 318 14.97 -22.06 -7.14
CA PRO A 318 14.14 -23.15 -7.70
C PRO A 318 14.38 -24.50 -7.03
N VAL A 319 15.42 -24.60 -6.21
CA VAL A 319 15.82 -25.84 -5.49
C VAL A 319 17.16 -26.40 -6.03
N HIS A 320 17.81 -27.21 -5.19
CA HIS A 320 19.11 -27.83 -5.50
C HIS A 320 20.27 -26.91 -5.12
N ASP B 14 24.99 -5.96 -2.74
CA ASP B 14 24.99 -7.42 -2.65
C ASP B 14 23.75 -7.93 -1.91
N MET B 15 23.03 -6.99 -1.30
CA MET B 15 21.70 -7.24 -0.77
C MET B 15 20.75 -6.23 -1.40
N SER B 16 21.32 -5.13 -1.91
CA SER B 16 20.57 -4.15 -2.69
C SER B 16 20.55 -4.59 -4.14
N THR B 17 20.84 -5.87 -4.37
CA THR B 17 20.90 -6.43 -5.71
C THR B 17 19.98 -7.65 -5.86
N TYR B 18 18.94 -7.48 -6.68
CA TYR B 18 17.95 -8.50 -6.88
C TYR B 18 18.20 -9.23 -8.19
N THR B 19 17.86 -10.51 -8.23
CA THR B 19 18.00 -11.29 -9.45
C THR B 19 16.70 -11.27 -10.25
N LEU B 20 16.76 -11.71 -11.50
CA LEU B 20 15.59 -11.75 -12.38
C LEU B 20 14.66 -12.88 -11.98
N GLU B 21 14.62 -13.16 -10.68
CA GLU B 21 13.77 -14.21 -10.12
C GLU B 21 13.24 -13.69 -8.81
N GLU B 22 14.11 -13.03 -8.03
CA GLU B 22 13.70 -12.37 -6.80
C GLU B 22 12.74 -11.29 -7.25
N LEU B 23 12.97 -10.86 -8.48
CA LEU B 23 12.21 -9.81 -9.12
C LEU B 23 10.90 -10.37 -9.67
N GLU B 24 10.99 -11.51 -10.37
CA GLU B 24 9.80 -12.18 -10.91
C GLU B 24 8.86 -12.64 -9.79
N HIS B 25 9.41 -12.84 -8.60
CA HIS B 25 8.68 -13.31 -7.44
C HIS B 25 8.12 -12.14 -6.67
N ILE B 26 8.95 -11.11 -6.52
CA ILE B 26 8.56 -9.89 -5.84
C ILE B 26 7.36 -9.21 -6.52
N THR B 27 7.36 -9.24 -7.86
CA THR B 27 6.30 -8.60 -8.66
C THR B 27 4.96 -9.34 -8.57
N SER B 28 4.98 -10.66 -8.67
CA SER B 28 3.78 -11.48 -8.56
C SER B 28 3.09 -11.27 -7.20
N GLU B 29 3.68 -10.44 -6.36
CA GLU B 29 3.13 -10.10 -5.05
C GLU B 29 2.33 -8.81 -5.14
N TYR B 30 2.89 -7.83 -5.84
CA TYR B 30 2.21 -6.56 -6.11
C TYR B 30 1.06 -6.81 -7.08
N THR B 31 1.30 -7.70 -8.03
CA THR B 31 0.30 -8.11 -9.03
C THR B 31 -0.83 -8.91 -8.38
N LEU B 32 -0.56 -9.55 -7.26
CA LEU B 32 -1.61 -10.26 -6.52
C LEU B 32 -2.57 -9.28 -5.86
N ARG B 33 -2.03 -8.28 -5.16
CA ARG B 33 -2.85 -7.28 -4.48
C ARG B 33 -3.52 -6.30 -5.46
N ASN B 34 -2.89 -6.09 -6.60
CA ASN B 34 -3.44 -5.22 -7.65
C ASN B 34 -3.23 -5.79 -9.04
N GLN B 35 -4.33 -6.02 -9.75
CA GLN B 35 -4.30 -6.66 -11.07
C GLN B 35 -3.99 -5.70 -12.21
N ASP B 36 -4.04 -4.40 -11.93
CA ASP B 36 -3.73 -3.39 -12.94
C ASP B 36 -2.25 -2.99 -12.99
N THR B 37 -1.37 -3.73 -12.32
CA THR B 37 0.00 -3.31 -12.30
C THR B 37 1.03 -4.33 -12.83
N PHE B 38 2.11 -3.79 -13.39
CA PHE B 38 3.25 -4.58 -13.81
C PHE B 38 4.53 -3.83 -13.45
N SER B 39 5.67 -4.40 -13.80
CA SER B 39 6.97 -3.83 -13.48
C SER B 39 7.91 -3.96 -14.65
N VAL B 40 8.80 -3.00 -14.76
CA VAL B 40 9.81 -2.94 -15.80
C VAL B 40 11.07 -2.39 -15.22
N ALA B 41 12.20 -3.00 -15.55
CA ALA B 41 13.49 -2.41 -15.25
C ALA B 41 14.12 -1.99 -16.57
N VAL B 42 14.74 -0.82 -16.58
CA VAL B 42 15.42 -0.38 -17.79
C VAL B 42 16.85 0.02 -17.53
N SER B 43 17.72 -0.39 -18.44
CA SER B 43 19.13 -0.02 -18.44
C SER B 43 19.27 1.49 -18.42
N PHE B 44 20.22 1.98 -17.63
CA PHE B 44 20.55 3.40 -17.66
C PHE B 44 21.55 3.65 -18.79
N LEU B 45 22.21 2.59 -19.24
CA LEU B 45 23.13 2.70 -20.38
C LEU B 45 22.45 2.69 -21.75
N THR B 46 21.29 2.04 -21.87
CA THR B 46 20.65 1.86 -23.17
C THR B 46 19.16 2.19 -23.17
N GLY B 47 18.57 2.31 -21.99
CA GLY B 47 17.13 2.35 -21.89
C GLY B 47 16.47 1.11 -22.47
N ARG B 48 17.15 -0.03 -22.39
CA ARG B 48 16.57 -1.28 -22.85
C ARG B 48 15.82 -1.93 -21.73
N ILE B 49 14.72 -2.60 -22.04
CA ILE B 49 14.01 -3.37 -21.03
C ILE B 49 14.76 -4.63 -20.64
N VAL B 50 15.19 -4.68 -19.38
CA VAL B 50 15.98 -5.80 -18.90
C VAL B 50 15.11 -6.83 -18.17
N TYR B 51 13.98 -6.37 -17.65
CA TYR B 51 12.99 -7.23 -17.04
C TYR B 51 11.59 -6.64 -17.13
N ILE B 52 10.66 -7.40 -17.70
CA ILE B 52 9.26 -7.02 -17.65
C ILE B 52 8.47 -8.16 -17.05
N SER B 53 7.62 -7.85 -16.08
CA SER B 53 6.93 -8.84 -15.26
C SER B 53 5.72 -9.46 -15.96
N GLU B 54 5.36 -10.67 -15.56
CA GLU B 54 4.35 -11.47 -16.27
C GLU B 54 3.06 -10.72 -16.66
N GLN B 55 2.70 -9.70 -15.89
CA GLN B 55 1.41 -9.02 -16.03
C GLN B 55 1.38 -8.02 -17.18
N ALA B 56 2.55 -7.56 -17.60
CA ALA B 56 2.69 -6.57 -18.66
C ALA B 56 1.99 -7.00 -19.93
N GLY B 57 2.17 -8.27 -20.29
CA GLY B 57 1.53 -8.81 -21.47
C GLY B 57 0.02 -8.82 -21.33
N VAL B 58 -0.43 -9.25 -20.15
CA VAL B 58 -1.85 -9.31 -19.87
C VAL B 58 -2.47 -7.93 -19.98
N LEU B 59 -1.86 -6.95 -19.31
CA LEU B 59 -2.34 -5.56 -19.39
C LEU B 59 -2.09 -4.90 -20.75
N LEU B 60 -0.96 -5.21 -21.39
CA LEU B 60 -0.62 -4.61 -22.69
C LEU B 60 -1.14 -5.39 -23.92
N ARG B 61 -1.88 -6.47 -23.68
CA ARG B 61 -2.45 -7.26 -24.76
C ARG B 61 -1.42 -7.55 -25.84
N CYS B 62 -0.31 -8.18 -25.43
CA CYS B 62 0.78 -8.53 -26.34
C CYS B 62 1.64 -9.61 -25.72
N LYS B 63 2.36 -10.34 -26.58
CA LYS B 63 3.23 -11.43 -26.16
C LYS B 63 4.46 -10.88 -25.45
N ARG B 64 5.06 -11.70 -24.59
CA ARG B 64 6.18 -11.28 -23.75
C ARG B 64 7.53 -11.45 -24.45
N ASP B 65 7.49 -11.95 -25.69
CA ASP B 65 8.70 -12.15 -26.48
C ASP B 65 9.13 -10.85 -27.15
N VAL B 66 8.16 -10.19 -27.79
CA VAL B 66 8.37 -8.87 -28.37
C VAL B 66 8.45 -7.85 -27.25
N PHE B 67 9.12 -8.23 -26.17
CA PHE B 67 9.29 -7.36 -25.02
C PHE B 67 10.75 -7.18 -24.66
N ARG B 68 11.41 -8.26 -24.25
CA ARG B 68 12.77 -8.12 -23.76
C ARG B 68 13.72 -7.61 -24.84
N GLY B 69 14.41 -6.51 -24.53
CA GLY B 69 15.33 -5.91 -25.47
C GLY B 69 14.79 -4.63 -26.10
N ALA B 70 13.51 -4.35 -25.88
CA ALA B 70 12.92 -3.13 -26.41
C ALA B 70 13.40 -1.92 -25.62
N ARG B 71 13.46 -0.77 -26.30
CA ARG B 71 13.90 0.46 -25.68
C ARG B 71 12.65 1.13 -25.14
N PHE B 72 12.40 0.93 -23.87
CA PHE B 72 11.14 1.28 -23.24
C PHE B 72 10.52 2.62 -23.74
N SER B 73 11.34 3.65 -23.88
CA SER B 73 10.88 4.91 -24.45
C SER B 73 9.89 4.77 -25.62
N GLU B 74 10.14 3.82 -26.51
CA GLU B 74 9.33 3.70 -27.74
C GLU B 74 8.13 2.78 -27.59
N LEU B 75 7.79 2.44 -26.36
CA LEU B 75 6.50 1.83 -26.07
C LEU B 75 5.56 2.96 -25.68
N LEU B 76 6.17 4.05 -25.21
CA LEU B 76 5.48 5.25 -24.82
C LEU B 76 4.88 5.91 -26.04
N ALA B 77 4.10 6.96 -25.82
CA ALA B 77 3.65 7.83 -26.92
C ALA B 77 4.56 9.05 -26.96
N PRO B 78 4.79 9.59 -28.15
CA PRO B 78 5.84 10.60 -28.28
C PRO B 78 5.67 11.76 -27.30
N GLN B 79 4.43 12.14 -27.04
CA GLN B 79 4.07 13.19 -26.09
C GLN B 79 4.45 12.88 -24.64
N ASP B 80 4.51 11.59 -24.30
CA ASP B 80 4.69 11.19 -22.91
C ASP B 80 6.16 10.96 -22.61
N VAL B 81 6.93 10.75 -23.69
CA VAL B 81 8.38 10.54 -23.66
C VAL B 81 9.15 11.63 -22.89
N GLY B 82 8.64 12.86 -22.93
CA GLY B 82 9.21 13.96 -22.16
C GLY B 82 9.15 13.84 -20.65
N VAL B 83 7.94 13.76 -20.07
CA VAL B 83 7.83 13.62 -18.61
C VAL B 83 8.48 12.32 -18.07
N PHE B 84 8.65 11.34 -18.94
CA PHE B 84 9.39 10.13 -18.58
C PHE B 84 10.87 10.39 -18.29
N TYR B 85 11.58 10.97 -19.26
CA TYR B 85 12.99 11.24 -19.07
C TYR B 85 13.18 12.23 -17.95
N GLY B 86 12.17 13.04 -17.69
CA GLY B 86 12.25 13.97 -16.59
C GLY B 86 12.30 13.29 -15.23
N SER B 87 11.43 12.29 -15.02
CA SER B 87 11.26 11.68 -13.71
C SER B 87 12.17 10.48 -13.49
N THR B 88 12.73 9.99 -14.58
CA THR B 88 13.68 8.90 -14.52
C THR B 88 15.11 9.43 -14.56
N THR B 89 15.33 10.53 -13.83
CA THR B 89 16.67 11.08 -13.67
C THR B 89 17.38 10.33 -12.55
N PRO B 90 18.40 9.54 -12.90
CA PRO B 90 19.25 8.81 -11.96
C PRO B 90 19.37 9.46 -10.57
N SER B 91 19.60 10.77 -10.53
CA SER B 91 19.85 11.50 -9.29
C SER B 91 18.60 11.81 -8.42
N ARG B 92 17.47 12.07 -9.06
CA ARG B 92 16.26 12.36 -8.30
C ARG B 92 15.44 11.10 -7.96
N LEU B 93 15.91 9.95 -8.43
CA LEU B 93 15.19 8.69 -8.25
C LEU B 93 15.41 8.15 -6.86
N PRO B 94 14.32 7.77 -6.19
CA PRO B 94 14.48 7.11 -4.88
C PRO B 94 14.84 5.64 -5.08
N THR B 95 15.78 5.13 -4.29
CA THR B 95 16.18 3.73 -4.41
C THR B 95 15.06 2.79 -3.95
N TRP B 96 14.91 1.65 -4.64
CA TRP B 96 13.81 0.73 -4.40
C TRP B 96 13.72 0.25 -2.96
N GLY B 97 12.90 0.89 -2.14
CA GLY B 97 12.75 0.49 -0.75
C GLY B 97 13.60 1.28 0.24
N GLU B 112 6.89 7.13 -4.49
CA GLU B 112 7.53 8.44 -4.66
C GLU B 112 6.76 9.34 -5.61
N LYS B 113 7.47 10.01 -6.51
CA LYS B 113 6.87 10.94 -7.45
C LYS B 113 6.63 10.32 -8.84
N SER B 114 5.35 10.20 -9.19
CA SER B 114 4.95 9.50 -10.40
C SER B 114 4.56 10.41 -11.56
N VAL B 115 4.49 9.83 -12.75
CA VAL B 115 3.98 10.50 -13.94
C VAL B 115 3.05 9.54 -14.66
N PHE B 116 2.31 10.04 -15.64
CA PHE B 116 1.39 9.22 -16.39
C PHE B 116 1.78 9.16 -17.85
N CYS B 117 1.85 7.96 -18.40
CA CYS B 117 2.22 7.81 -19.80
C CYS B 117 1.28 6.81 -20.41
N ARG B 118 0.85 7.06 -21.64
CA ARG B 118 0.15 6.04 -22.39
C ARG B 118 1.18 5.10 -22.98
N ILE B 119 0.90 3.80 -22.86
CA ILE B 119 1.81 2.76 -23.31
C ILE B 119 1.22 1.90 -24.41
N ARG B 120 2.01 1.65 -25.45
CA ARG B 120 1.56 0.96 -26.66
C ARG B 120 1.14 -0.46 -26.34
N GLY B 121 0.07 -0.91 -27.00
CA GLY B 121 -0.51 -2.21 -26.69
C GLY B 121 -0.84 -3.04 -27.91
N GLY B 122 -1.87 -3.87 -27.82
CA GLY B 122 -2.21 -4.78 -28.90
C GLY B 122 -3.56 -4.52 -29.55
N PRO B 123 -3.82 -5.19 -30.68
CA PRO B 123 -5.04 -5.10 -31.48
C PRO B 123 -6.29 -5.50 -30.69
N GLY B 128 -10.33 -1.38 -32.43
CA GLY B 128 -9.73 -2.07 -31.29
C GLY B 128 -8.22 -2.21 -31.43
N PRO B 129 -7.47 -1.31 -30.78
CA PRO B 129 -6.00 -1.27 -30.73
C PRO B 129 -5.47 -0.08 -29.91
N ARG B 130 -4.14 0.04 -29.85
CA ARG B 130 -3.48 1.26 -29.40
C ARG B 130 -3.14 1.36 -27.90
N TYR B 131 -2.86 2.59 -27.47
CA TYR B 131 -2.25 2.90 -26.19
C TYR B 131 -3.16 2.76 -24.96
N GLN B 132 -2.54 2.51 -23.82
CA GLN B 132 -3.24 2.55 -22.57
C GLN B 132 -2.54 3.45 -21.54
N PRO B 133 -3.34 4.12 -20.73
CA PRO B 133 -2.91 5.02 -19.67
C PRO B 133 -2.38 4.29 -18.43
N PHE B 134 -1.22 4.69 -17.97
CA PHE B 134 -0.56 4.06 -16.83
C PHE B 134 0.04 5.11 -15.90
N ARG B 135 -0.04 4.87 -14.60
CA ARG B 135 0.70 5.67 -13.64
C ARG B 135 2.04 5.01 -13.49
N LEU B 136 3.10 5.78 -13.70
CA LEU B 136 4.46 5.27 -13.64
C LEU B 136 5.20 5.81 -12.44
N THR B 137 5.65 4.92 -11.57
CA THR B 137 6.37 5.30 -10.38
C THR B 137 7.77 4.73 -10.43
N PRO B 138 8.73 5.58 -10.75
CA PRO B 138 10.10 5.14 -11.02
C PRO B 138 10.98 5.06 -9.78
N TYR B 139 11.91 4.13 -9.80
CA TYR B 139 12.89 3.90 -8.74
C TYR B 139 14.23 3.46 -9.33
N VAL B 140 15.28 3.47 -8.52
CA VAL B 140 16.57 2.95 -8.93
C VAL B 140 16.97 1.75 -8.08
N THR B 141 17.73 0.83 -8.69
CA THR B 141 18.17 -0.37 -7.99
C THR B 141 19.27 -1.07 -8.79
N LYS B 142 19.85 -2.14 -8.23
CA LYS B 142 20.79 -2.97 -8.97
C LYS B 142 20.25 -4.39 -9.27
N ILE B 143 20.37 -4.80 -10.53
CA ILE B 143 19.80 -6.05 -11.01
C ILE B 143 20.87 -6.93 -11.66
N ARG B 144 20.73 -8.24 -11.47
CA ARG B 144 21.58 -9.22 -12.17
C ARG B 144 20.75 -10.10 -13.08
N VAL B 145 21.08 -10.13 -14.37
CA VAL B 145 20.36 -10.98 -15.33
C VAL B 145 20.95 -12.39 -15.43
N SER B 146 22.14 -12.57 -14.88
CA SER B 146 22.75 -13.89 -14.77
C SER B 146 23.21 -14.13 -13.34
N GLY B 148 24.56 -15.52 -10.14
CA GLY B 148 25.95 -15.39 -10.55
C GLY B 148 26.17 -14.50 -11.76
N ALA B 149 26.53 -13.25 -11.50
CA ALA B 149 26.73 -12.26 -12.56
C ALA B 149 27.21 -10.93 -11.97
N PRO B 150 27.52 -9.95 -12.84
CA PRO B 150 27.81 -8.57 -12.42
C PRO B 150 26.53 -7.77 -12.20
N ALA B 151 26.60 -6.72 -11.39
CA ALA B 151 25.41 -5.96 -11.00
C ALA B 151 25.36 -4.61 -11.70
N GLN B 152 24.17 -4.21 -12.15
CA GLN B 152 24.02 -3.01 -12.98
C GLN B 152 22.85 -2.14 -12.55
N PRO B 153 23.11 -0.88 -12.24
CA PRO B 153 21.95 -0.04 -11.87
C PRO B 153 20.93 0.05 -13.02
N CYS B 154 19.67 -0.12 -12.67
CA CYS B 154 18.56 -0.10 -13.60
C CYS B 154 17.49 0.80 -13.01
N CYS B 155 16.59 1.29 -13.86
CA CYS B 155 15.42 2.00 -13.37
C CYS B 155 14.24 1.03 -13.28
N LEU B 156 13.76 0.83 -12.06
CA LEU B 156 12.59 -0.01 -11.84
C LEU B 156 11.33 0.86 -11.87
N LEU B 157 10.34 0.43 -12.62
CA LEU B 157 9.11 1.18 -12.84
C LEU B 157 7.86 0.44 -12.36
N ILE B 158 7.09 1.07 -11.48
CA ILE B 158 5.78 0.54 -11.11
C ILE B 158 4.67 1.19 -11.95
N ALA B 159 4.22 0.45 -12.96
CA ALA B 159 3.12 0.85 -13.82
C ALA B 159 1.75 0.34 -13.32
N GLU B 160 0.79 1.26 -13.18
CA GLU B 160 -0.59 0.93 -12.76
C GLU B 160 -1.59 1.50 -13.77
N ARG B 161 -2.37 0.64 -14.41
CA ARG B 161 -3.33 1.12 -15.40
C ARG B 161 -4.32 2.07 -14.78
N ILE B 162 -4.51 3.20 -15.44
CA ILE B 162 -5.48 4.19 -15.07
C ILE B 162 -6.79 3.85 -15.79
N HIS B 163 -7.89 3.96 -15.05
CA HIS B 163 -9.22 3.58 -15.54
C HIS B 163 -10.16 4.76 -15.53
N SER B 164 -11.21 4.64 -16.34
CA SER B 164 -12.26 5.64 -16.45
C SER B 164 -13.02 5.78 -15.13
N GLY B 165 -13.48 7.00 -14.87
CA GLY B 165 -14.24 7.27 -13.67
C GLY B 165 -15.68 6.84 -13.86
N TYR B 166 -16.05 6.67 -15.13
CA TYR B 166 -17.39 6.27 -15.49
C TYR B 166 -17.47 4.75 -15.64
N GLU B 167 -16.64 4.06 -14.86
CA GLU B 167 -16.55 2.61 -14.94
C GLU B 167 -16.28 2.00 -13.57
N ALA B 168 -16.80 0.79 -13.40
CA ALA B 168 -16.58 -0.02 -12.21
C ALA B 168 -15.10 -0.18 -11.93
N PRO B 169 -14.61 0.28 -10.76
CA PRO B 169 -15.20 1.05 -9.64
C PRO B 169 -15.49 2.54 -9.92
N ARG B 170 -16.64 2.87 -10.50
CA ARG B 170 -17.02 4.27 -10.76
C ARG B 170 -16.77 5.17 -9.58
N ILE B 171 -16.31 6.39 -9.88
CA ILE B 171 -16.20 7.46 -8.90
C ILE B 171 -17.62 7.95 -8.58
N PRO B 172 -17.97 8.04 -7.29
CA PRO B 172 -19.31 8.47 -6.92
C PRO B 172 -19.58 9.87 -7.49
N PRO B 173 -20.76 10.09 -8.08
CA PRO B 173 -21.10 11.37 -8.75
C PRO B 173 -20.70 12.61 -7.96
N ASP B 174 -21.08 12.65 -6.69
CA ASP B 174 -20.76 13.75 -5.78
C ASP B 174 -19.26 13.97 -5.61
N LYS B 175 -18.46 13.02 -6.08
CA LYS B 175 -17.02 13.16 -6.01
C LYS B 175 -16.37 13.35 -7.38
N ARG B 176 -17.18 13.48 -8.42
CA ARG B 176 -16.64 13.73 -9.75
C ARG B 176 -16.22 15.19 -9.92
N ILE B 177 -15.09 15.52 -9.31
CA ILE B 177 -14.58 16.86 -9.27
C ILE B 177 -13.12 16.86 -9.61
N PHE B 178 -12.68 17.90 -10.31
CA PHE B 178 -11.26 18.14 -10.50
C PHE B 178 -11.05 19.65 -10.39
N THR B 179 -9.85 20.06 -9.98
CA THR B 179 -9.52 21.47 -9.93
C THR B 179 -8.58 21.87 -11.09
N THR B 180 -8.75 23.09 -11.61
CA THR B 180 -7.83 23.63 -12.60
C THR B 180 -7.29 24.99 -12.18
N ARG B 181 -6.09 25.30 -12.66
CA ARG B 181 -5.50 26.61 -12.46
C ARG B 181 -4.91 27.12 -13.78
N HIS B 182 -5.27 28.33 -14.18
CA HIS B 182 -4.75 28.90 -15.43
C HIS B 182 -4.30 30.34 -15.29
N THR B 183 -3.29 30.68 -16.08
CA THR B 183 -2.66 32.01 -16.08
C THR B 183 -3.60 33.09 -16.62
N PRO B 184 -3.25 34.36 -16.38
CA PRO B 184 -4.11 35.42 -16.94
C PRO B 184 -4.11 35.44 -18.48
N SER B 185 -3.07 34.91 -19.11
CA SER B 185 -3.07 34.67 -20.56
C SER B 185 -3.88 33.45 -21.01
N CYS B 186 -4.54 32.78 -20.05
CA CYS B 186 -5.40 31.62 -20.29
C CYS B 186 -4.70 30.31 -20.67
N LEU B 187 -3.60 30.03 -20.02
CA LEU B 187 -2.93 28.76 -20.22
C LEU B 187 -2.96 27.96 -18.93
N PHE B 188 -3.41 26.71 -19.01
CA PHE B 188 -3.40 25.86 -17.82
C PHE B 188 -2.02 25.87 -17.20
N GLN B 189 -1.96 26.18 -15.91
CA GLN B 189 -0.72 26.24 -15.15
C GLN B 189 -0.64 25.02 -14.25
N ASP B 190 -1.80 24.52 -13.90
CA ASP B 190 -1.86 23.27 -13.21
C ASP B 190 -3.21 22.64 -13.40
N VAL B 191 -3.24 21.32 -13.39
CA VAL B 191 -4.50 20.63 -13.38
C VAL B 191 -4.43 19.43 -12.45
N ASP B 192 -5.56 19.11 -11.87
CA ASP B 192 -5.73 17.99 -10.96
C ASP B 192 -5.66 16.60 -11.62
N GLU B 193 -5.12 15.63 -10.92
CA GLU B 193 -5.05 14.28 -11.45
C GLU B 193 -6.46 13.72 -11.75
N ARG B 194 -7.48 14.24 -11.05
CA ARG B 194 -8.85 13.79 -11.25
C ARG B 194 -9.30 14.08 -12.68
N ALA B 195 -8.63 15.03 -13.31
CA ALA B 195 -8.86 15.33 -14.72
C ALA B 195 -8.73 14.10 -15.60
N ALA B 196 -7.77 13.21 -15.31
CA ALA B 196 -7.54 12.06 -16.18
C ALA B 196 -8.72 11.06 -16.28
N PRO B 197 -9.17 10.51 -15.13
CA PRO B 197 -10.32 9.59 -15.10
C PRO B 197 -11.64 10.26 -15.49
N LEU B 198 -11.70 11.59 -15.44
CA LEU B 198 -12.92 12.28 -15.87
C LEU B 198 -12.93 12.76 -17.34
N LEU B 199 -11.77 13.08 -17.91
CA LEU B 199 -11.74 13.61 -19.28
C LEU B 199 -10.74 12.91 -20.21
N GLY B 200 -9.80 12.19 -19.65
CA GLY B 200 -8.94 11.39 -20.50
C GLY B 200 -7.58 12.01 -20.74
N TYR B 201 -7.31 13.12 -20.07
CA TYR B 201 -6.06 13.84 -20.28
C TYR B 201 -5.03 13.58 -19.18
N LEU B 202 -3.81 13.28 -19.57
CA LEU B 202 -2.74 13.25 -18.58
C LEU B 202 -2.29 14.68 -18.33
N PRO B 203 -1.63 14.94 -17.21
CA PRO B 203 -1.23 16.34 -16.99
C PRO B 203 -0.53 17.04 -18.19
N GLN B 204 0.42 16.39 -18.87
CA GLN B 204 1.13 16.99 -20.02
C GLN B 204 0.24 17.57 -21.11
N ASP B 205 -0.90 16.94 -21.32
CA ASP B 205 -1.83 17.30 -22.38
C ASP B 205 -2.39 18.70 -22.19
N LEU B 206 -2.48 19.13 -20.94
CA LEU B 206 -3.12 20.39 -20.60
C LEU B 206 -2.11 21.46 -20.22
N LEU B 207 -1.14 21.09 -19.38
CA LEU B 207 -0.13 22.04 -18.89
C LEU B 207 0.50 22.85 -20.01
N GLY B 208 0.30 24.16 -19.95
CA GLY B 208 0.85 25.10 -20.91
C GLY B 208 -0.02 25.34 -22.11
N ALA B 209 -1.17 24.68 -22.17
CA ALA B 209 -2.08 24.76 -23.32
C ALA B 209 -3.28 25.67 -23.07
N PRO B 210 -3.99 26.04 -24.14
CA PRO B 210 -5.07 27.03 -23.99
C PRO B 210 -6.35 26.47 -23.39
N VAL B 211 -6.66 26.93 -22.19
CA VAL B 211 -7.89 26.61 -21.52
C VAL B 211 -9.04 26.57 -22.53
N LEU B 212 -9.25 27.70 -23.23
CA LEU B 212 -10.42 27.88 -24.10
C LEU B 212 -10.54 26.84 -25.19
N LEU B 213 -9.43 26.20 -25.51
CA LEU B 213 -9.40 25.16 -26.53
C LEU B 213 -10.08 23.87 -26.08
N PHE B 214 -10.07 23.62 -24.77
CA PHE B 214 -10.69 22.41 -24.22
C PHE B 214 -12.18 22.59 -23.94
N LEU B 215 -12.70 23.76 -24.30
CA LEU B 215 -14.09 24.09 -24.05
C LEU B 215 -14.85 23.99 -25.33
N HIS B 216 -16.16 23.81 -25.19
CA HIS B 216 -17.04 23.93 -26.33
C HIS B 216 -16.92 25.33 -26.95
N PRO B 217 -16.81 25.40 -28.29
CA PRO B 217 -16.71 26.68 -29.02
C PRO B 217 -17.81 27.64 -28.61
N GLU B 218 -19.03 27.11 -28.49
CA GLU B 218 -20.20 27.86 -28.07
C GLU B 218 -20.08 28.46 -26.68
N ASP B 219 -19.30 27.80 -25.82
CA ASP B 219 -19.13 28.28 -24.44
C ASP B 219 -17.86 29.10 -24.21
N ARG B 220 -17.03 29.22 -25.24
CA ARG B 220 -15.84 30.08 -25.17
C ARG B 220 -16.12 31.55 -24.86
N PRO B 221 -17.12 32.16 -25.52
CA PRO B 221 -17.41 33.56 -25.21
C PRO B 221 -17.77 33.80 -23.75
N LEU B 222 -18.24 32.76 -23.06
CA LEU B 222 -18.71 32.86 -21.68
C LEU B 222 -17.58 33.03 -20.66
N MET B 223 -16.39 32.60 -21.03
CA MET B 223 -15.24 32.81 -20.16
C MET B 223 -15.03 34.29 -19.93
N LEU B 224 -15.21 35.07 -20.99
CA LEU B 224 -15.11 36.51 -20.93
C LEU B 224 -15.99 37.09 -19.81
N ALA B 225 -17.22 36.61 -19.71
CA ALA B 225 -18.12 37.07 -18.66
C ALA B 225 -17.67 36.56 -17.28
N ILE B 226 -17.13 35.34 -17.25
CA ILE B 226 -16.70 34.73 -16.01
C ILE B 226 -15.49 35.47 -15.44
N HIS B 227 -14.64 35.94 -16.33
CA HIS B 227 -13.46 36.66 -15.89
C HIS B 227 -13.74 38.10 -15.42
N LYS B 228 -14.77 38.74 -15.97
CA LYS B 228 -15.28 39.97 -15.35
C LYS B 228 -15.85 39.73 -13.95
N LYS B 229 -16.67 38.72 -13.77
CA LYS B 229 -17.23 38.42 -12.44
C LYS B 229 -16.13 38.12 -11.45
N ILE B 230 -15.02 37.58 -11.93
CA ILE B 230 -13.87 37.33 -11.09
C ILE B 230 -13.25 38.68 -10.69
N LEU B 231 -13.12 39.57 -11.68
CA LEU B 231 -12.62 40.92 -11.42
C LEU B 231 -13.60 41.72 -10.60
N GLN B 232 -14.67 41.08 -10.14
CA GLN B 232 -15.60 41.73 -9.22
C GLN B 232 -15.47 41.13 -7.84
N LEU B 233 -15.82 39.85 -7.74
CA LEU B 233 -15.80 39.12 -6.49
C LEU B 233 -14.41 39.15 -5.91
N ALA B 234 -13.51 39.86 -6.60
CA ALA B 234 -12.11 39.94 -6.20
C ALA B 234 -11.54 38.54 -6.03
N GLY B 235 -11.97 37.66 -6.92
CA GLY B 235 -11.58 36.26 -6.84
C GLY B 235 -12.68 35.47 -6.16
N GLN B 236 -12.72 35.56 -4.82
CA GLN B 236 -13.71 34.90 -3.97
C GLN B 236 -14.81 34.18 -4.76
N PRO B 237 -15.01 32.90 -4.46
CA PRO B 237 -15.59 31.88 -5.36
C PRO B 237 -17.03 32.18 -5.79
N PHE B 238 -17.36 31.83 -7.02
CA PHE B 238 -18.75 31.90 -7.44
C PHE B 238 -19.14 30.75 -8.38
N ASP B 239 -20.14 29.99 -7.96
CA ASP B 239 -20.70 28.93 -8.78
C ASP B 239 -21.25 29.52 -10.08
N HIS B 240 -21.11 28.78 -11.17
CA HIS B 240 -21.82 29.07 -12.40
C HIS B 240 -21.82 27.90 -13.35
N SER B 241 -22.90 27.14 -13.34
CA SER B 241 -23.11 26.10 -14.33
C SER B 241 -23.79 26.73 -15.54
N PRO B 242 -23.73 26.07 -16.71
CA PRO B 242 -22.91 24.91 -17.04
C PRO B 242 -21.89 25.21 -18.13
N ILE B 243 -20.76 24.52 -18.12
CA ILE B 243 -19.75 24.64 -19.14
C ILE B 243 -19.45 23.26 -19.69
N ARG B 244 -19.18 23.17 -20.97
CA ARG B 244 -18.84 21.89 -21.58
C ARG B 244 -17.38 21.76 -21.96
N PHE B 245 -16.76 20.67 -21.49
CA PHE B 245 -15.36 20.37 -21.76
C PHE B 245 -15.29 19.20 -22.73
N CYS B 246 -14.28 19.18 -23.58
CA CYS B 246 -14.12 18.07 -24.51
C CYS B 246 -13.37 16.95 -23.80
N ALA B 247 -13.71 15.68 -24.06
CA ALA B 247 -13.22 14.59 -23.24
C ALA B 247 -12.08 13.73 -23.84
N ARG B 248 -11.36 14.28 -24.80
CA ARG B 248 -10.24 13.57 -25.41
C ARG B 248 -10.64 12.38 -26.27
N ASN B 249 -11.74 11.75 -25.91
CA ASN B 249 -12.33 10.74 -26.77
C ASN B 249 -13.22 11.42 -27.79
N GLY B 250 -13.10 12.74 -27.85
CA GLY B 250 -13.98 13.56 -28.66
C GLY B 250 -15.41 13.44 -28.19
N GLU B 251 -15.68 14.01 -27.02
CA GLU B 251 -17.03 14.00 -26.45
C GLU B 251 -17.16 15.11 -25.40
N TYR B 252 -18.31 15.76 -25.34
CA TYR B 252 -18.48 16.87 -24.42
C TYR B 252 -19.09 16.40 -23.11
N VAL B 253 -18.57 16.94 -22.02
CA VAL B 253 -19.00 16.60 -20.69
C VAL B 253 -19.39 17.90 -20.05
N THR B 254 -20.64 17.98 -19.59
CA THR B 254 -21.13 19.18 -18.95
C THR B 254 -20.70 19.27 -17.49
N MET B 255 -20.12 20.42 -17.14
CA MET B 255 -19.59 20.64 -15.80
C MET B 255 -20.37 21.69 -15.05
N ASP B 256 -20.46 21.52 -13.73
CA ASP B 256 -20.91 22.59 -12.89
C ASP B 256 -19.66 23.27 -12.39
N THR B 257 -19.42 24.47 -12.88
CA THR B 257 -18.15 25.15 -12.58
C THR B 257 -18.27 26.14 -11.44
N SER B 258 -17.15 26.35 -10.78
CA SER B 258 -17.05 27.35 -9.76
C SER B 258 -15.73 28.04 -10.06
N TRP B 259 -15.66 29.35 -9.85
CA TRP B 259 -14.47 30.08 -10.21
C TRP B 259 -14.02 31.01 -9.11
N ALA B 260 -12.72 31.23 -9.04
CA ALA B 260 -12.19 32.16 -8.08
C ALA B 260 -11.03 32.91 -8.70
N GLY B 261 -9.82 32.64 -8.25
CA GLY B 261 -8.70 33.42 -8.71
C GLY B 261 -7.99 34.19 -7.61
N PHE B 262 -6.68 34.20 -7.72
CA PHE B 262 -5.78 34.69 -6.69
C PHE B 262 -5.32 36.13 -6.97
N VAL B 263 -5.91 37.10 -6.26
CA VAL B 263 -5.38 38.46 -6.24
C VAL B 263 -3.95 38.34 -5.74
N HIS B 264 -3.01 38.86 -6.51
CA HIS B 264 -1.59 38.72 -6.16
C HIS B 264 -1.20 39.67 -5.04
N PRO B 265 -0.70 39.13 -3.92
CA PRO B 265 -0.40 39.94 -2.73
C PRO B 265 0.26 41.27 -3.07
N TRP B 266 1.37 41.21 -3.80
CA TRP B 266 2.18 42.39 -4.09
C TRP B 266 1.75 43.19 -5.33
N SER B 267 1.14 42.54 -6.31
CA SER B 267 0.67 43.18 -7.53
C SER B 267 -0.69 43.82 -7.35
N ARG B 268 -1.49 43.25 -6.46
CA ARG B 268 -2.89 43.64 -6.35
C ARG B 268 -3.71 43.18 -7.57
N LYS B 269 -3.04 42.72 -8.63
CA LYS B 269 -3.75 42.15 -9.77
C LYS B 269 -4.10 40.65 -9.54
N VAL B 270 -4.96 40.08 -10.37
CA VAL B 270 -5.23 38.64 -10.34
C VAL B 270 -4.07 37.88 -10.95
N ALA B 271 -3.41 37.04 -10.15
CA ALA B 271 -2.26 36.27 -10.64
C ALA B 271 -2.61 34.94 -11.31
N PHE B 272 -3.75 34.33 -10.94
CA PHE B 272 -4.25 33.14 -11.64
C PHE B 272 -5.68 32.76 -11.26
N VAL B 273 -6.40 32.14 -12.18
CA VAL B 273 -7.78 31.73 -11.93
C VAL B 273 -7.90 30.29 -11.44
N LEU B 274 -8.82 30.05 -10.50
CA LEU B 274 -9.08 28.69 -10.02
C LEU B 274 -10.47 28.30 -10.45
N GLY B 275 -10.61 27.04 -10.85
CA GLY B 275 -11.92 26.51 -11.15
C GLY B 275 -12.08 25.22 -10.40
N ARG B 276 -13.28 25.00 -9.87
CA ARG B 276 -13.62 23.77 -9.19
C ARG B 276 -14.85 23.24 -9.88
N HIS B 277 -14.69 22.15 -10.62
CA HIS B 277 -15.73 21.70 -11.54
C HIS B 277 -16.29 20.35 -11.13
N LYS B 278 -17.58 20.16 -11.38
CA LYS B 278 -18.21 18.90 -11.07
C LYS B 278 -18.96 18.39 -12.30
N VAL B 279 -18.71 17.13 -12.65
CA VAL B 279 -19.38 16.49 -13.76
C VAL B 279 -20.88 16.48 -13.53
N ARG B 280 -21.59 17.13 -14.45
CA ARG B 280 -23.01 17.35 -14.35
C ARG B 280 -23.71 16.14 -14.95
N THR B 281 -23.23 15.73 -16.12
CA THR B 281 -23.68 14.52 -16.76
C THR B 281 -22.47 13.76 -17.29
N ALA B 282 -22.48 12.44 -17.13
CA ALA B 282 -21.41 11.58 -17.64
C ALA B 282 -21.56 11.34 -19.15
N PRO B 283 -20.43 11.14 -19.85
CA PRO B 283 -20.48 10.87 -21.29
C PRO B 283 -21.10 9.50 -21.60
N LEU B 284 -21.69 9.36 -22.77
CA LEU B 284 -22.18 8.06 -23.22
C LEU B 284 -21.02 7.09 -23.38
N ASN B 285 -19.93 7.57 -23.98
CA ASN B 285 -18.69 6.83 -24.16
C ASN B 285 -17.87 6.93 -22.88
N GLU B 286 -17.73 5.82 -22.18
CA GLU B 286 -17.05 5.78 -20.90
C GLU B 286 -15.55 5.78 -21.13
N ASP B 287 -15.15 5.25 -22.27
CA ASP B 287 -13.73 5.15 -22.57
C ASP B 287 -13.21 6.51 -23.00
N VAL B 288 -13.02 7.34 -22.00
CA VAL B 288 -12.78 8.75 -22.17
C VAL B 288 -11.32 8.99 -22.57
N PHE B 289 -10.45 8.03 -22.25
CA PHE B 289 -9.02 8.15 -22.55
C PHE B 289 -8.66 8.04 -24.03
N THR B 290 -9.38 7.20 -24.76
CA THR B 290 -9.03 6.86 -26.13
C THR B 290 -9.67 7.76 -27.19
N PRO B 291 -8.81 8.39 -28.02
CA PRO B 291 -9.14 9.46 -28.97
C PRO B 291 -9.99 9.03 -30.14
N PRO B 292 -10.64 10.00 -30.83
CA PRO B 292 -11.53 9.74 -31.97
C PRO B 292 -10.90 8.81 -33.00
N SER B 302 -7.37 35.44 -34.09
CA SER B 302 -7.97 34.12 -34.31
C SER B 302 -9.36 33.97 -33.69
N ASP B 303 -9.63 32.79 -33.14
CA ASP B 303 -10.84 32.55 -32.36
C ASP B 303 -10.45 32.29 -30.91
N ILE B 304 -9.58 31.31 -30.71
CA ILE B 304 -9.05 31.03 -29.40
C ILE B 304 -7.96 32.05 -29.03
N GLN B 305 -7.22 32.54 -30.02
CA GLN B 305 -6.16 33.52 -29.76
C GLN B 305 -6.80 34.84 -29.37
N GLU B 306 -7.91 35.14 -30.04
CA GLU B 306 -8.59 36.40 -29.85
C GLU B 306 -9.21 36.52 -28.47
N LEU B 307 -10.05 35.55 -28.13
CA LEU B 307 -10.78 35.59 -26.87
C LEU B 307 -9.88 35.63 -25.64
N SER B 308 -8.72 35.00 -25.74
CA SER B 308 -7.80 34.93 -24.62
C SER B 308 -7.12 36.26 -24.37
N GLU B 309 -6.61 36.84 -25.46
CA GLU B 309 -5.92 38.12 -25.38
C GLU B 309 -6.83 39.15 -24.75
N GLN B 310 -8.08 39.17 -25.21
CA GLN B 310 -9.17 39.87 -24.51
C GLN B 310 -9.18 39.62 -22.99
N ILE B 311 -9.23 38.35 -22.54
CA ILE B 311 -9.35 38.01 -21.12
C ILE B 311 -8.13 38.47 -20.34
N HIS B 312 -6.97 38.22 -20.90
CA HIS B 312 -5.69 38.70 -20.37
C HIS B 312 -5.67 40.22 -20.11
N ARG B 313 -5.99 41.00 -21.16
CA ARG B 313 -6.06 42.47 -21.06
C ARG B 313 -6.85 42.90 -19.84
N LEU B 314 -7.92 42.15 -19.60
CA LEU B 314 -8.85 42.45 -18.55
C LEU B 314 -8.19 42.25 -17.21
N LEU B 315 -7.39 41.21 -17.10
CA LEU B 315 -6.84 40.86 -15.81
C LEU B 315 -5.66 41.76 -15.48
N LEU B 316 -5.26 42.58 -16.46
CA LEU B 316 -4.21 43.58 -16.25
C LEU B 316 -4.65 44.62 -15.25
N GLN B 317 -5.97 44.79 -15.15
CA GLN B 317 -6.54 45.83 -14.33
C GLN B 317 -6.27 45.66 -12.84
N PRO B 318 -6.23 46.78 -12.11
CA PRO B 318 -5.90 46.79 -10.68
C PRO B 318 -6.82 45.91 -9.84
N VAL B 319 -8.09 45.80 -10.22
CA VAL B 319 -9.14 45.09 -9.47
C VAL B 319 -10.33 46.03 -9.24
N HIS B 320 -11.54 45.51 -9.41
CA HIS B 320 -12.76 46.31 -9.26
C HIS B 320 -13.12 46.52 -7.79
N GLU C 22 -4.46 14.12 15.77
CA GLU C 22 -5.30 15.06 15.04
C GLU C 22 -5.81 14.47 13.71
N LEU C 23 -5.04 14.66 12.64
CA LEU C 23 -5.25 13.97 11.37
C LEU C 23 -6.52 14.34 10.60
N GLU C 24 -6.91 13.46 9.67
CA GLU C 24 -8.11 13.58 8.81
C GLU C 24 -7.77 13.79 7.32
N HIS C 25 -6.77 14.61 7.04
CA HIS C 25 -6.26 14.76 5.67
C HIS C 25 -5.57 13.47 5.27
N ILE C 26 -5.00 12.82 6.27
CA ILE C 26 -4.10 11.70 6.08
C ILE C 26 -4.82 10.42 5.65
N THR C 27 -6.14 10.40 5.81
CA THR C 27 -6.96 9.34 5.25
C THR C 27 -7.26 9.69 3.80
N SER C 28 -7.60 10.96 3.57
CA SER C 28 -7.72 11.53 2.23
C SER C 28 -6.36 11.45 1.56
N GLU C 29 -5.70 10.31 1.76
CA GLU C 29 -4.37 10.09 1.26
C GLU C 29 -4.43 9.14 0.05
N TYR C 30 -4.77 7.88 0.34
CA TYR C 30 -4.70 6.82 -0.67
C TYR C 30 -5.94 6.75 -1.57
N THR C 31 -7.08 7.15 -1.04
CA THR C 31 -8.37 6.87 -1.65
C THR C 31 -8.60 7.44 -3.06
N LEU C 32 -7.85 8.47 -3.45
CA LEU C 32 -7.99 9.00 -4.80
C LEU C 32 -7.33 8.09 -5.85
N ARG C 33 -6.61 7.09 -5.38
CA ARG C 33 -6.02 6.06 -6.24
C ARG C 33 -6.70 4.72 -5.97
N ASN C 34 -7.19 4.56 -4.75
CA ASN C 34 -8.04 3.43 -4.38
C ASN C 34 -9.39 3.92 -3.88
N GLN C 35 -10.43 3.68 -4.68
CA GLN C 35 -11.78 4.16 -4.37
C GLN C 35 -12.45 3.43 -3.21
N ASP C 36 -11.95 2.23 -2.90
CA ASP C 36 -12.67 1.32 -2.00
C ASP C 36 -12.21 1.34 -0.53
N THR C 37 -11.37 2.29 -0.16
CA THR C 37 -10.81 2.22 1.17
C THR C 37 -11.27 3.35 2.07
N PHE C 38 -11.11 3.14 3.37
CA PHE C 38 -11.30 4.18 4.37
C PHE C 38 -10.45 3.82 5.57
N SER C 39 -10.57 4.65 6.61
CA SER C 39 -9.71 4.53 7.76
C SER C 39 -10.52 4.63 9.03
N VAL C 40 -9.98 4.06 10.11
CA VAL C 40 -10.63 4.08 11.40
C VAL C 40 -9.63 3.96 12.51
N ALA C 41 -9.75 4.84 13.49
CA ALA C 41 -8.93 4.76 14.67
C ALA C 41 -9.80 4.29 15.82
N VAL C 42 -9.32 3.35 16.60
CA VAL C 42 -10.03 2.96 17.79
C VAL C 42 -9.17 3.09 19.05
N SER C 43 -9.79 3.52 20.15
CA SER C 43 -9.19 3.37 21.46
C SER C 43 -9.30 1.90 21.85
N PHE C 44 -8.23 1.35 22.41
CA PHE C 44 -8.24 -0.06 22.79
C PHE C 44 -7.50 -0.37 24.07
N LEU C 45 -8.13 -1.21 24.89
CA LEU C 45 -9.50 -1.61 24.61
C LEU C 45 -10.43 -0.80 25.49
N THR C 46 -10.03 0.43 25.74
CA THR C 46 -10.88 1.38 26.43
C THR C 46 -11.93 1.89 25.45
N GLY C 47 -11.87 3.16 25.08
CA GLY C 47 -12.84 3.73 24.17
C GLY C 47 -12.94 2.86 22.93
N ARG C 48 -13.73 3.32 21.96
CA ARG C 48 -13.83 2.60 20.69
C ARG C 48 -13.65 3.56 19.52
N ILE C 49 -14.72 3.79 18.76
CA ILE C 49 -14.61 4.57 17.53
C ILE C 49 -14.22 6.05 17.74
N VAL C 50 -12.95 6.33 17.44
CA VAL C 50 -12.33 7.62 17.72
C VAL C 50 -12.39 8.56 16.53
N TYR C 51 -12.12 8.01 15.35
CA TYR C 51 -12.07 8.73 14.09
C TYR C 51 -12.49 7.81 12.96
N ILE C 52 -12.83 8.39 11.81
CA ILE C 52 -13.16 7.63 10.61
C ILE C 52 -13.28 8.51 9.36
N SER C 53 -12.65 8.06 8.27
CA SER C 53 -12.66 8.76 6.98
C SER C 53 -14.06 9.17 6.53
N GLU C 54 -14.13 10.12 5.60
CA GLU C 54 -15.41 10.63 5.09
C GLU C 54 -16.20 9.55 4.36
N GLN C 55 -15.48 8.63 3.75
CA GLN C 55 -16.07 7.70 2.79
C GLN C 55 -16.49 6.36 3.37
N ALA C 56 -16.23 6.16 4.65
CA ALA C 56 -16.82 5.01 5.32
C ALA C 56 -18.33 5.13 5.12
N GLY C 57 -18.81 6.37 5.11
CA GLY C 57 -20.22 6.64 4.92
C GLY C 57 -20.62 6.17 3.55
N VAL C 58 -19.97 6.69 2.53
CA VAL C 58 -20.21 6.22 1.16
C VAL C 58 -20.17 4.70 1.07
N LEU C 59 -19.02 4.12 1.43
CA LEU C 59 -18.78 2.67 1.37
C LEU C 59 -19.82 1.84 2.14
N LEU C 60 -20.16 2.28 3.34
CA LEU C 60 -21.11 1.56 4.15
C LEU C 60 -22.53 2.13 4.03
N ARG C 61 -22.72 3.01 3.05
CA ARG C 61 -24.05 3.54 2.74
C ARG C 61 -24.82 3.95 3.99
N CYS C 62 -24.21 4.83 4.79
CA CYS C 62 -24.76 5.20 6.08
C CYS C 62 -24.11 6.47 6.60
N LYS C 63 -24.92 7.47 6.93
CA LYS C 63 -24.45 8.75 7.43
C LYS C 63 -23.67 8.60 8.73
N ARG C 64 -22.55 9.34 8.85
CA ARG C 64 -21.66 9.18 10.00
C ARG C 64 -22.29 9.57 11.32
N ASP C 65 -23.56 9.96 11.28
CA ASP C 65 -24.34 10.17 12.49
C ASP C 65 -24.31 8.88 13.31
N VAL C 66 -23.85 7.81 12.68
CA VAL C 66 -23.81 6.50 13.30
C VAL C 66 -22.38 6.13 13.72
N PHE C 67 -21.40 6.78 13.11
CA PHE C 67 -20.01 6.60 13.51
C PHE C 67 -19.80 7.35 14.82
N ARG C 68 -20.68 7.06 15.77
CA ARG C 68 -20.83 7.81 17.00
C ARG C 68 -19.64 7.64 17.91
N GLY C 69 -19.96 7.40 19.16
CA GLY C 69 -19.05 6.73 20.05
C GLY C 69 -19.60 5.32 20.05
N ALA C 70 -19.59 4.71 18.86
CA ALA C 70 -20.07 3.34 18.69
C ALA C 70 -18.94 2.36 18.88
N ARG C 71 -19.27 1.21 19.44
CA ARG C 71 -18.30 0.13 19.60
C ARG C 71 -17.99 -0.35 18.19
N PHE C 72 -16.74 -0.17 17.78
CA PHE C 72 -16.37 -0.51 16.43
C PHE C 72 -16.76 -1.96 16.24
N SER C 73 -16.46 -2.74 17.28
CA SER C 73 -16.70 -4.17 17.32
C SER C 73 -18.12 -4.60 16.94
N GLU C 74 -19.10 -3.74 17.18
CA GLU C 74 -20.48 -4.10 16.86
C GLU C 74 -20.86 -3.58 15.50
N LEU C 75 -19.86 -3.24 14.70
CA LEU C 75 -20.05 -2.98 13.28
C LEU C 75 -19.60 -4.19 12.49
N LEU C 76 -18.60 -4.86 13.04
CA LEU C 76 -18.22 -6.20 12.64
C LEU C 76 -19.35 -7.21 12.78
N ALA C 77 -19.26 -8.32 12.05
CA ALA C 77 -20.16 -9.44 12.25
C ALA C 77 -19.58 -10.35 13.32
N PRO C 78 -20.44 -11.04 14.06
CA PRO C 78 -20.02 -11.79 15.24
C PRO C 78 -18.90 -12.82 14.97
N GLN C 79 -18.89 -13.44 13.80
CA GLN C 79 -17.85 -14.40 13.46
C GLN C 79 -16.48 -13.74 13.33
N ASP C 80 -16.48 -12.44 13.02
CA ASP C 80 -15.25 -11.76 12.65
C ASP C 80 -14.58 -11.04 13.85
N VAL C 81 -15.41 -10.70 14.84
CA VAL C 81 -14.93 -10.11 16.08
C VAL C 81 -13.74 -10.86 16.68
N GLY C 82 -13.78 -12.20 16.63
CA GLY C 82 -12.69 -12.98 17.17
C GLY C 82 -11.38 -12.69 16.46
N VAL C 83 -11.36 -12.89 15.15
CA VAL C 83 -10.17 -12.65 14.33
C VAL C 83 -9.69 -11.19 14.44
N PHE C 84 -10.64 -10.26 14.50
CA PHE C 84 -10.33 -8.85 14.71
C PHE C 84 -9.47 -8.58 15.94
N TYR C 85 -10.01 -8.96 17.10
CA TYR C 85 -9.28 -8.80 18.36
C TYR C 85 -7.98 -9.56 18.31
N GLY C 86 -7.97 -10.66 17.55
CA GLY C 86 -6.76 -11.42 17.37
C GLY C 86 -5.65 -10.60 16.75
N SER C 87 -5.97 -9.85 15.70
CA SER C 87 -4.93 -9.14 14.98
C SER C 87 -4.55 -7.83 15.60
N THR C 88 -5.47 -7.25 16.36
CA THR C 88 -5.28 -5.91 16.87
C THR C 88 -4.75 -5.82 18.31
N THR C 89 -3.94 -6.80 18.69
CA THR C 89 -3.22 -6.75 19.95
C THR C 89 -2.18 -5.66 19.89
N PRO C 90 -2.34 -4.62 20.74
CA PRO C 90 -1.37 -3.52 20.76
C PRO C 90 0.07 -4.04 20.73
N SER C 91 0.30 -5.19 21.34
CA SER C 91 1.62 -5.78 21.45
C SER C 91 2.26 -6.13 20.09
N ARG C 92 1.52 -6.84 19.24
CA ARG C 92 2.07 -7.34 17.99
C ARG C 92 1.82 -6.42 16.78
N LEU C 93 1.45 -5.17 17.05
CA LEU C 93 1.13 -4.23 15.98
C LEU C 93 2.32 -3.38 15.53
N PRO C 94 2.40 -3.16 14.21
CA PRO C 94 3.38 -2.24 13.63
C PRO C 94 2.95 -0.78 13.80
N THR C 95 3.91 0.14 13.78
CA THR C 95 3.61 1.57 13.88
C THR C 95 3.29 2.12 12.50
N TRP C 96 2.27 2.96 12.42
CA TRP C 96 1.98 3.67 11.19
C TRP C 96 3.12 4.65 10.91
N GLY C 97 3.68 4.56 9.71
CA GLY C 97 4.78 5.42 9.32
C GLY C 97 5.90 4.68 8.60
N LYS C 113 0.30 -8.38 6.86
CA LYS C 113 -0.32 -8.37 8.17
C LYS C 113 -1.74 -7.81 8.10
N SER C 114 -2.72 -8.67 7.82
CA SER C 114 -4.08 -8.19 7.66
C SER C 114 -5.14 -9.29 7.74
N VAL C 115 -6.37 -8.86 7.97
CA VAL C 115 -7.48 -9.76 8.19
C VAL C 115 -8.72 -9.25 7.48
N PHE C 116 -9.76 -10.07 7.45
CA PHE C 116 -10.96 -9.75 6.70
C PHE C 116 -12.13 -9.89 7.62
N CYS C 117 -12.91 -8.83 7.73
CA CYS C 117 -14.12 -8.87 8.53
C CYS C 117 -15.26 -8.31 7.72
N ARG C 118 -16.47 -8.79 7.97
CA ARG C 118 -17.65 -8.19 7.36
C ARG C 118 -18.14 -7.01 8.20
N ILE C 119 -18.45 -5.90 7.53
CA ILE C 119 -18.87 -4.69 8.22
C ILE C 119 -20.24 -4.18 7.79
N ARG C 120 -21.13 -4.03 8.77
CA ARG C 120 -22.43 -3.38 8.59
C ARG C 120 -22.19 -1.89 8.45
N GLY C 121 -23.01 -1.19 7.65
CA GLY C 121 -24.17 -1.75 7.01
C GLY C 121 -25.44 -1.01 7.37
N GLY C 122 -25.48 -0.46 8.59
CA GLY C 122 -26.70 0.10 9.16
C GLY C 122 -27.31 -0.89 10.13
N PRO C 123 -27.77 -0.41 11.31
CA PRO C 123 -28.34 -1.25 12.37
C PRO C 123 -29.40 -2.24 11.87
N ASP C 124 -29.05 -3.53 11.84
CA ASP C 124 -29.94 -4.58 11.36
C ASP C 124 -30.88 -5.09 12.44
N PRO C 129 -26.92 -6.51 8.04
CA PRO C 129 -28.00 -7.34 7.52
C PRO C 129 -27.86 -7.87 6.06
N ARG C 130 -27.29 -7.16 5.07
CA ARG C 130 -26.62 -5.84 5.13
C ARG C 130 -25.20 -5.86 5.72
N TYR C 131 -24.27 -6.49 4.99
CA TYR C 131 -22.87 -6.58 5.42
C TYR C 131 -21.95 -6.43 4.22
N GLN C 132 -20.72 -5.97 4.49
CA GLN C 132 -19.71 -5.84 3.43
C GLN C 132 -18.37 -6.43 3.87
N PRO C 133 -17.71 -7.17 2.96
CA PRO C 133 -16.32 -7.66 3.10
C PRO C 133 -15.28 -6.53 2.99
N PHE C 134 -14.43 -6.43 4.01
CA PHE C 134 -13.31 -5.51 3.95
C PHE C 134 -12.06 -6.22 4.40
N ARG C 135 -10.95 -5.92 3.73
CA ARG C 135 -9.64 -6.23 4.24
C ARG C 135 -9.26 -5.15 5.25
N LEU C 136 -8.91 -5.55 6.46
CA LEU C 136 -8.45 -4.60 7.44
C LEU C 136 -6.97 -4.86 7.73
N THR C 137 -6.14 -3.86 7.49
CA THR C 137 -4.74 -3.99 7.83
C THR C 137 -4.36 -2.95 8.89
N PRO C 138 -4.16 -3.40 10.15
CA PRO C 138 -4.12 -2.52 11.31
C PRO C 138 -2.71 -2.09 11.79
N TYR C 139 -2.68 -1.03 12.59
CA TYR C 139 -1.44 -0.40 13.01
C TYR C 139 -1.65 0.22 14.37
N VAL C 140 -0.59 0.81 14.90
CA VAL C 140 -0.66 1.49 16.18
C VAL C 140 -0.27 2.97 16.05
N THR C 141 -1.12 3.86 16.58
CA THR C 141 -0.71 5.22 16.91
C THR C 141 -1.59 5.78 18.01
N LYS C 142 -1.26 6.98 18.47
CA LYS C 142 -2.10 7.71 19.42
C LYS C 142 -2.70 8.97 18.78
N ILE C 143 -3.99 9.19 19.03
CA ILE C 143 -4.75 10.25 18.40
C ILE C 143 -5.10 11.36 19.41
N ARG C 144 -5.27 12.59 18.93
CA ARG C 144 -5.57 13.71 19.82
C ARG C 144 -7.08 13.87 20.03
N CYS C 155 -4.94 2.33 17.79
CA CYS C 155 -5.15 1.40 16.67
C CYS C 155 -5.79 2.03 15.44
N LEU C 156 -5.00 2.09 14.38
CA LEU C 156 -5.42 2.65 13.12
C LEU C 156 -5.39 1.53 12.12
N LEU C 157 -6.48 1.36 11.39
CA LEU C 157 -6.52 0.36 10.34
C LEU C 157 -7.10 0.86 9.02
N ILE C 158 -6.50 0.38 7.95
CA ILE C 158 -6.96 0.64 6.59
C ILE C 158 -7.96 -0.44 6.17
N ALA C 159 -9.15 -0.01 5.81
CA ALA C 159 -10.20 -0.92 5.39
C ALA C 159 -10.41 -0.79 3.89
N GLU C 160 -10.00 -1.82 3.15
CA GLU C 160 -10.24 -1.88 1.72
C GLU C 160 -11.36 -2.88 1.47
N ARG C 161 -12.40 -2.44 0.80
CA ARG C 161 -13.56 -3.27 0.49
C ARG C 161 -13.25 -4.29 -0.62
N ILE C 162 -13.71 -5.51 -0.41
CA ILE C 162 -13.40 -6.63 -1.29
C ILE C 162 -14.51 -6.90 -2.29
N HIS C 163 -14.14 -7.19 -3.53
CA HIS C 163 -15.15 -7.40 -4.57
C HIS C 163 -15.06 -8.79 -5.19
N SER C 164 -16.21 -9.29 -5.68
CA SER C 164 -16.24 -10.48 -6.53
C SER C 164 -15.18 -10.51 -7.62
N GLY C 165 -14.73 -11.71 -7.93
CA GLY C 165 -13.98 -11.96 -9.15
C GLY C 165 -14.95 -11.90 -10.31
N TYR C 166 -16.22 -12.21 -10.04
CA TYR C 166 -17.26 -12.18 -11.08
C TYR C 166 -17.98 -10.82 -11.25
N GLU C 167 -17.30 -9.74 -10.89
CA GLU C 167 -17.82 -8.40 -11.15
C GLU C 167 -16.72 -7.50 -11.61
N ALA C 168 -17.12 -6.57 -12.48
CA ALA C 168 -16.27 -5.56 -13.06
C ALA C 168 -15.59 -4.77 -11.96
N PRO C 169 -14.25 -4.80 -11.89
CA PRO C 169 -13.26 -5.60 -12.65
C PRO C 169 -13.35 -7.11 -12.40
N ARG C 170 -13.59 -7.88 -13.46
CA ARG C 170 -13.51 -9.35 -13.41
C ARG C 170 -12.07 -9.82 -13.29
N ILE C 171 -11.90 -10.98 -12.68
CA ILE C 171 -10.60 -11.65 -12.65
C ILE C 171 -10.49 -12.49 -13.94
N PRO C 172 -9.36 -12.37 -14.66
CA PRO C 172 -9.18 -13.22 -15.82
C PRO C 172 -9.47 -14.65 -15.43
N PRO C 173 -10.32 -15.34 -16.20
CA PRO C 173 -10.78 -16.69 -15.82
C PRO C 173 -9.63 -17.65 -15.64
N ASP C 174 -8.48 -17.28 -16.19
CA ASP C 174 -7.30 -18.13 -16.21
C ASP C 174 -6.46 -17.83 -14.97
N LYS C 175 -6.88 -16.80 -14.24
CA LYS C 175 -6.27 -16.48 -12.97
C LYS C 175 -7.23 -16.64 -11.76
N ARG C 176 -8.47 -17.06 -12.03
CA ARG C 176 -9.40 -17.51 -11.01
C ARG C 176 -8.92 -18.84 -10.39
N ILE C 177 -7.85 -18.70 -9.61
CA ILE C 177 -7.23 -19.84 -9.03
C ILE C 177 -7.14 -19.57 -7.54
N PHE C 178 -7.23 -20.62 -6.72
CA PHE C 178 -7.03 -20.52 -5.27
C PHE C 178 -6.56 -21.84 -4.68
N THR C 179 -5.76 -21.74 -3.62
CA THR C 179 -5.27 -22.93 -2.94
C THR C 179 -5.93 -23.22 -1.59
N THR C 180 -5.97 -24.49 -1.22
CA THR C 180 -6.48 -24.91 0.08
C THR C 180 -5.61 -26.01 0.68
N ARG C 181 -5.53 -26.03 1.99
CA ARG C 181 -4.85 -27.10 2.69
C ARG C 181 -5.80 -27.69 3.75
N HIS C 182 -5.87 -29.02 3.82
CA HIS C 182 -6.72 -29.66 4.83
C HIS C 182 -6.08 -30.82 5.56
N THR C 183 -6.41 -30.96 6.84
CA THR C 183 -6.02 -32.11 7.66
C THR C 183 -6.54 -33.45 7.12
N PRO C 184 -5.94 -34.56 7.58
CA PRO C 184 -6.39 -35.92 7.30
C PRO C 184 -7.81 -36.18 7.81
N SER C 185 -8.22 -35.48 8.86
CA SER C 185 -9.58 -35.55 9.35
C SER C 185 -10.54 -34.78 8.42
N CYS C 186 -9.98 -34.21 7.37
CA CYS C 186 -10.76 -33.50 6.38
C CYS C 186 -11.30 -32.16 6.90
N LEU C 187 -10.47 -31.42 7.58
CA LEU C 187 -10.85 -30.07 8.02
C LEU C 187 -9.89 -29.05 7.42
N PHE C 188 -10.43 -27.91 6.97
CA PHE C 188 -9.56 -26.88 6.40
C PHE C 188 -8.53 -26.41 7.39
N GLN C 189 -7.27 -26.47 6.98
CA GLN C 189 -6.13 -26.06 7.81
C GLN C 189 -5.69 -24.69 7.32
N ASP C 190 -6.00 -24.42 6.07
CA ASP C 190 -5.62 -23.16 5.49
C ASP C 190 -6.33 -22.92 4.17
N VAL C 191 -6.62 -21.65 3.92
CA VAL C 191 -7.21 -21.25 2.66
C VAL C 191 -6.61 -19.93 2.11
N ASP C 192 -6.44 -19.93 0.80
CA ASP C 192 -5.88 -18.79 0.09
C ASP C 192 -6.84 -17.60 0.17
N GLU C 193 -6.27 -16.39 0.23
CA GLU C 193 -7.13 -15.20 0.24
C GLU C 193 -8.02 -15.13 -1.02
N ARG C 194 -7.57 -15.74 -2.11
CA ARG C 194 -8.32 -15.73 -3.36
C ARG C 194 -9.68 -16.43 -3.29
N ALA C 195 -9.87 -17.24 -2.25
CA ALA C 195 -11.15 -17.91 -2.05
C ALA C 195 -12.28 -16.91 -1.84
N ALA C 196 -11.98 -15.78 -1.21
CA ALA C 196 -13.00 -14.79 -0.90
C ALA C 196 -13.70 -14.25 -2.15
N PRO C 197 -12.96 -13.61 -3.06
CA PRO C 197 -13.63 -13.11 -4.26
C PRO C 197 -14.20 -14.21 -5.18
N LEU C 198 -13.77 -15.46 -5.01
CA LEU C 198 -14.21 -16.55 -5.87
C LEU C 198 -15.28 -17.47 -5.29
N LEU C 199 -15.56 -17.33 -4.00
CA LEU C 199 -16.53 -18.23 -3.34
C LEU C 199 -17.34 -17.50 -2.27
N GLY C 200 -16.79 -16.41 -1.77
CA GLY C 200 -17.55 -15.56 -0.88
C GLY C 200 -17.16 -15.71 0.56
N TYR C 201 -16.17 -16.55 0.83
CA TYR C 201 -15.81 -16.92 2.20
C TYR C 201 -14.56 -16.22 2.72
N LEU C 202 -14.61 -15.71 3.95
CA LEU C 202 -13.40 -15.27 4.65
C LEU C 202 -12.63 -16.45 5.27
N PRO C 203 -11.32 -16.26 5.50
CA PRO C 203 -10.56 -17.41 6.00
C PRO C 203 -11.21 -18.11 7.20
N GLN C 204 -11.75 -17.34 8.14
CA GLN C 204 -12.44 -17.84 9.34
C GLN C 204 -13.61 -18.81 9.12
N ASP C 205 -14.34 -18.61 8.02
CA ASP C 205 -15.48 -19.45 7.64
C ASP C 205 -15.13 -20.87 7.27
N LEU C 206 -13.88 -21.11 6.89
CA LEU C 206 -13.47 -22.42 6.40
C LEU C 206 -12.47 -23.03 7.35
N LEU C 207 -11.68 -22.19 8.01
CA LEU C 207 -10.58 -22.69 8.84
C LEU C 207 -11.10 -23.51 10.01
N GLY C 208 -10.93 -24.81 9.93
CA GLY C 208 -11.49 -25.70 10.93
C GLY C 208 -12.76 -26.41 10.52
N ALA C 209 -13.51 -25.84 9.59
CA ALA C 209 -14.72 -26.47 9.06
C ALA C 209 -14.35 -27.69 8.21
N PRO C 210 -15.34 -28.57 7.99
CA PRO C 210 -15.15 -29.79 7.20
C PRO C 210 -15.18 -29.53 5.69
N VAL C 211 -14.10 -29.87 5.02
CA VAL C 211 -13.98 -29.68 3.59
C VAL C 211 -15.27 -30.18 2.94
N LEU C 212 -15.65 -31.39 3.28
CA LEU C 212 -16.80 -32.03 2.64
C LEU C 212 -18.08 -31.20 2.67
N LEU C 213 -18.24 -30.37 3.70
CA LEU C 213 -19.47 -29.62 3.87
C LEU C 213 -19.59 -28.54 2.79
N PHE C 214 -18.46 -28.15 2.22
CA PHE C 214 -18.47 -27.11 1.20
C PHE C 214 -18.55 -27.70 -0.18
N LEU C 215 -18.69 -29.02 -0.25
CA LEU C 215 -18.83 -29.72 -1.53
C LEU C 215 -20.29 -29.98 -1.85
N HIS C 216 -20.60 -30.08 -3.13
CA HIS C 216 -21.93 -30.46 -3.57
C HIS C 216 -22.03 -31.94 -3.29
N PRO C 217 -23.13 -32.37 -2.65
CA PRO C 217 -23.31 -33.75 -2.19
C PRO C 217 -23.03 -34.82 -3.25
N GLU C 218 -23.43 -34.58 -4.49
CA GLU C 218 -23.19 -35.51 -5.59
C GLU C 218 -21.68 -35.77 -5.78
N ASP C 219 -20.85 -34.83 -5.33
CA ASP C 219 -19.39 -34.92 -5.50
C ASP C 219 -18.68 -35.33 -4.22
N ARG C 220 -19.43 -35.41 -3.12
CA ARG C 220 -18.84 -35.79 -1.86
C ARG C 220 -18.28 -37.23 -1.87
N PRO C 221 -18.95 -38.17 -2.60
CA PRO C 221 -18.43 -39.54 -2.73
C PRO C 221 -17.11 -39.62 -3.50
N LEU C 222 -16.82 -38.62 -4.31
CA LEU C 222 -15.61 -38.56 -5.14
C LEU C 222 -14.33 -38.44 -4.33
N MET C 223 -14.44 -38.01 -3.09
CA MET C 223 -13.26 -37.60 -2.36
C MET C 223 -12.41 -38.74 -1.82
N LEU C 224 -13.04 -39.88 -1.58
CA LEU C 224 -12.35 -41.05 -1.08
C LEU C 224 -11.37 -41.58 -2.14
N ALA C 225 -11.86 -41.81 -3.35
CA ALA C 225 -11.03 -42.20 -4.50
C ALA C 225 -9.86 -41.27 -4.66
N ILE C 226 -10.17 -39.98 -4.56
CA ILE C 226 -9.21 -38.94 -4.75
C ILE C 226 -8.14 -39.06 -3.70
N HIS C 227 -8.55 -39.23 -2.45
CA HIS C 227 -7.60 -39.40 -1.35
C HIS C 227 -6.84 -40.73 -1.39
N LYS C 228 -7.42 -41.73 -2.05
CA LYS C 228 -6.77 -42.98 -2.33
C LYS C 228 -5.59 -42.82 -3.28
N LYS C 229 -5.83 -42.15 -4.42
CA LYS C 229 -4.76 -41.73 -5.32
C LYS C 229 -3.77 -40.74 -4.69
N ILE C 230 -4.20 -39.95 -3.70
CA ILE C 230 -3.26 -39.09 -2.99
C ILE C 230 -2.33 -39.95 -2.16
N LEU C 231 -2.87 -41.00 -1.56
CA LEU C 231 -2.10 -41.89 -0.71
C LEU C 231 -1.05 -42.56 -1.58
N GLN C 232 -1.47 -43.02 -2.75
CA GLN C 232 -0.53 -43.39 -3.80
C GLN C 232 0.13 -42.12 -4.32
N LEU C 233 1.27 -42.24 -4.98
CA LEU C 233 1.97 -41.07 -5.49
C LEU C 233 2.62 -40.30 -4.36
N ALA C 234 2.11 -40.50 -3.16
CA ALA C 234 2.78 -40.03 -1.95
C ALA C 234 3.54 -38.72 -2.15
N GLY C 235 2.80 -37.66 -2.46
CA GLY C 235 3.39 -36.34 -2.58
C GLY C 235 3.15 -35.75 -3.95
N GLN C 236 2.97 -36.63 -4.92
CA GLN C 236 2.80 -36.22 -6.30
C GLN C 236 1.38 -35.68 -6.57
N PRO C 237 1.32 -34.55 -7.27
CA PRO C 237 0.01 -33.95 -7.54
C PRO C 237 -0.61 -34.63 -8.74
N PHE C 238 -1.94 -34.68 -8.76
CA PHE C 238 -2.67 -35.18 -9.91
C PHE C 238 -3.92 -34.33 -10.15
N ASP C 239 -4.21 -34.07 -11.42
CA ASP C 239 -5.37 -33.31 -11.83
C ASP C 239 -6.61 -34.17 -11.87
N HIS C 240 -7.74 -33.57 -11.53
CA HIS C 240 -9.02 -34.27 -11.50
C HIS C 240 -10.19 -33.30 -11.54
N SER C 241 -10.79 -33.14 -12.70
CA SER C 241 -11.91 -32.23 -12.83
C SER C 241 -13.19 -33.04 -13.00
N PRO C 242 -14.33 -32.49 -12.56
CA PRO C 242 -14.50 -31.23 -11.86
C PRO C 242 -15.11 -31.41 -10.47
N ILE C 243 -14.98 -30.40 -9.62
CA ILE C 243 -15.65 -30.41 -8.33
C ILE C 243 -16.47 -29.13 -8.14
N ARG C 244 -17.69 -29.28 -7.66
CA ARG C 244 -18.49 -28.12 -7.32
C ARG C 244 -18.36 -27.73 -5.85
N PHE C 245 -18.02 -26.47 -5.61
CA PHE C 245 -18.02 -25.92 -4.28
C PHE C 245 -19.24 -25.04 -4.11
N CYS C 246 -19.83 -25.04 -2.92
CA CYS C 246 -20.92 -24.13 -2.59
C CYS C 246 -20.39 -22.72 -2.32
N ALA C 247 -20.85 -21.73 -3.08
CA ALA C 247 -20.42 -20.37 -2.84
C ALA C 247 -21.25 -19.85 -1.69
N ARG C 248 -20.73 -18.87 -0.97
CA ARG C 248 -21.39 -18.42 0.25
C ARG C 248 -22.81 -17.90 -0.01
N ASN C 249 -23.14 -17.63 -1.27
CA ASN C 249 -24.49 -17.22 -1.65
C ASN C 249 -25.43 -18.39 -1.92
N GLY C 250 -24.96 -19.60 -1.63
CA GLY C 250 -25.79 -20.80 -1.76
C GLY C 250 -25.65 -21.47 -3.11
N GLU C 251 -25.10 -20.74 -4.07
CA GLU C 251 -24.98 -21.18 -5.44
C GLU C 251 -23.72 -22.01 -5.65
N TYR C 252 -23.77 -22.97 -6.57
CA TYR C 252 -22.61 -23.84 -6.84
C TYR C 252 -21.70 -23.34 -7.97
N VAL C 253 -20.40 -23.54 -7.79
CA VAL C 253 -19.40 -23.09 -8.74
C VAL C 253 -18.41 -24.22 -9.07
N THR C 254 -18.24 -24.53 -10.35
CA THR C 254 -17.46 -25.69 -10.76
C THR C 254 -15.97 -25.42 -10.91
N MET C 255 -15.14 -26.28 -10.32
CA MET C 255 -13.69 -26.11 -10.35
C MET C 255 -12.96 -27.21 -11.08
N ASP C 256 -11.81 -26.85 -11.64
CA ASP C 256 -10.84 -27.83 -12.14
C ASP C 256 -9.84 -28.02 -11.01
N THR C 257 -9.70 -29.24 -10.51
CA THR C 257 -8.96 -29.49 -9.28
C THR C 257 -7.67 -30.30 -9.46
N SER C 258 -6.78 -30.12 -8.50
CA SER C 258 -5.52 -30.82 -8.45
C SER C 258 -5.18 -31.06 -6.99
N TRP C 259 -4.70 -32.25 -6.68
CA TRP C 259 -4.37 -32.55 -5.29
C TRP C 259 -2.99 -33.17 -5.16
N ALA C 260 -2.34 -32.98 -4.04
CA ALA C 260 -1.02 -33.56 -3.86
C ALA C 260 -0.87 -34.18 -2.49
N GLY C 261 -0.88 -33.35 -1.46
CA GLY C 261 -0.74 -33.90 -0.12
C GLY C 261 0.69 -34.21 0.23
N PHE C 262 1.02 -33.98 1.50
CA PHE C 262 2.37 -33.88 2.01
C PHE C 262 2.64 -34.97 3.04
N VAL C 263 3.61 -35.83 2.74
CA VAL C 263 3.99 -36.85 3.68
C VAL C 263 4.90 -36.27 4.74
N HIS C 264 4.55 -36.49 6.00
CA HIS C 264 5.34 -36.03 7.14
C HIS C 264 6.71 -36.73 7.18
N PRO C 265 7.80 -35.96 7.05
CA PRO C 265 9.14 -36.52 6.89
C PRO C 265 9.54 -37.57 7.94
N TRP C 266 9.00 -37.44 9.16
CA TRP C 266 9.38 -38.35 10.24
C TRP C 266 8.41 -39.51 10.42
N SER C 267 7.12 -39.21 10.42
CA SER C 267 6.11 -40.20 10.71
C SER C 267 5.69 -40.92 9.44
N ARG C 268 6.02 -40.34 8.30
CA ARG C 268 5.70 -40.99 7.04
C ARG C 268 4.20 -41.14 6.77
N LYS C 269 3.39 -40.58 7.66
CA LYS C 269 1.96 -40.46 7.46
C LYS C 269 1.70 -39.18 6.66
N VAL C 270 0.55 -39.08 6.00
CA VAL C 270 0.19 -37.83 5.33
C VAL C 270 -0.17 -36.78 6.37
N ALA C 271 0.36 -35.57 6.22
CA ALA C 271 0.18 -34.53 7.24
C ALA C 271 -0.94 -33.56 6.84
N PHE C 272 -1.00 -33.24 5.56
CA PHE C 272 -2.14 -32.52 5.04
C PHE C 272 -2.17 -32.65 3.54
N VAL C 273 -3.29 -32.25 2.96
CA VAL C 273 -3.60 -32.40 1.55
C VAL C 273 -3.63 -31.01 0.90
N LEU C 274 -3.04 -30.89 -0.29
CA LEU C 274 -3.07 -29.62 -1.04
C LEU C 274 -4.07 -29.68 -2.19
N GLY C 275 -4.81 -28.58 -2.38
CA GLY C 275 -5.70 -28.44 -3.50
C GLY C 275 -5.42 -27.16 -4.24
N ARG C 276 -5.34 -27.25 -5.57
CA ARG C 276 -5.21 -26.08 -6.44
C ARG C 276 -6.40 -26.10 -7.39
N HIS C 277 -7.27 -25.12 -7.28
CA HIS C 277 -8.50 -25.09 -8.04
C HIS C 277 -8.62 -23.92 -8.96
N LYS C 278 -9.20 -24.17 -10.13
CA LYS C 278 -9.42 -23.15 -11.13
C LYS C 278 -10.91 -23.10 -11.45
N VAL C 279 -11.48 -21.91 -11.34
CA VAL C 279 -12.90 -21.71 -11.62
C VAL C 279 -13.23 -22.02 -13.09
N ARG C 280 -13.92 -23.15 -13.29
CA ARG C 280 -14.34 -23.55 -14.63
C ARG C 280 -15.42 -22.61 -15.11
N THR C 281 -16.50 -22.52 -14.34
CA THR C 281 -17.62 -21.68 -14.72
C THR C 281 -18.00 -20.71 -13.61
N ALA C 282 -18.13 -19.43 -13.96
CA ALA C 282 -18.64 -18.42 -13.03
C ALA C 282 -20.10 -18.71 -12.71
N PRO C 283 -20.56 -18.33 -11.50
CA PRO C 283 -21.98 -18.43 -11.17
C PRO C 283 -22.81 -17.26 -11.73
N LEU C 284 -24.12 -17.46 -11.76
CA LEU C 284 -25.04 -16.38 -12.13
C LEU C 284 -24.93 -15.28 -11.09
N ASN C 285 -25.39 -15.56 -9.88
CA ASN C 285 -25.32 -14.56 -8.82
C ASN C 285 -23.86 -14.27 -8.53
N GLU C 286 -23.39 -13.14 -9.04
CA GLU C 286 -21.99 -12.76 -8.89
C GLU C 286 -21.72 -12.26 -7.48
N ASP C 287 -22.79 -11.95 -6.76
CA ASP C 287 -22.71 -11.54 -5.35
C ASP C 287 -22.40 -12.72 -4.40
N VAL C 288 -21.27 -13.40 -4.62
CA VAL C 288 -20.93 -14.57 -3.82
C VAL C 288 -20.88 -14.30 -2.30
N PHE C 289 -20.78 -13.04 -1.93
CA PHE C 289 -20.43 -12.71 -0.55
C PHE C 289 -21.58 -12.80 0.44
N THR C 290 -22.79 -12.68 -0.05
CA THR C 290 -23.92 -12.56 0.85
C THR C 290 -24.75 -13.84 0.98
N PRO C 291 -24.97 -14.29 2.23
CA PRO C 291 -25.75 -15.49 2.59
C PRO C 291 -27.13 -15.46 1.94
N PRO C 292 -27.83 -16.60 1.94
CA PRO C 292 -29.19 -16.61 1.40
C PRO C 292 -30.26 -16.54 2.50
N ALA C 293 -30.33 -17.57 3.33
CA ALA C 293 -31.35 -17.69 4.38
C ALA C 293 -32.77 -17.80 3.82
N LEU C 300 -29.71 -37.01 3.14
CA LEU C 300 -28.30 -37.35 3.23
C LEU C 300 -27.47 -36.15 3.68
N ASP C 301 -27.63 -35.75 4.93
CA ASP C 301 -26.88 -34.61 5.48
C ASP C 301 -25.60 -35.02 6.18
N SER C 302 -25.46 -36.32 6.48
CA SER C 302 -24.23 -36.81 7.11
C SER C 302 -23.44 -37.76 6.23
N ASP C 303 -23.44 -37.50 4.92
CA ASP C 303 -22.49 -38.14 4.04
C ASP C 303 -21.16 -37.68 4.59
N ILE C 304 -21.20 -36.51 5.21
CA ILE C 304 -20.00 -35.82 5.71
C ILE C 304 -19.23 -36.57 6.79
N GLN C 305 -19.75 -36.61 8.02
CA GLN C 305 -18.98 -37.20 9.10
C GLN C 305 -18.58 -38.60 8.71
N GLU C 306 -19.52 -39.29 8.06
CA GLU C 306 -19.29 -40.62 7.49
C GLU C 306 -18.04 -40.66 6.61
N LEU C 307 -18.10 -39.97 5.49
CA LEU C 307 -17.04 -40.02 4.49
C LEU C 307 -15.73 -39.44 4.98
N SER C 308 -15.83 -38.43 5.84
CA SER C 308 -14.65 -37.82 6.43
C SER C 308 -13.86 -38.89 7.16
N GLU C 309 -14.59 -39.61 8.01
CA GLU C 309 -14.01 -40.63 8.87
C GLU C 309 -13.37 -41.76 8.07
N GLN C 310 -13.87 -42.02 6.86
CA GLN C 310 -13.25 -43.01 5.98
C GLN C 310 -11.91 -42.54 5.39
N ILE C 311 -11.86 -41.30 4.94
CA ILE C 311 -10.64 -40.76 4.40
C ILE C 311 -9.56 -40.68 5.47
N HIS C 312 -9.97 -40.24 6.66
CA HIS C 312 -9.05 -40.04 7.77
C HIS C 312 -8.42 -41.38 8.07
N ARG C 313 -9.26 -42.42 8.03
CA ARG C 313 -8.82 -43.80 8.23
C ARG C 313 -7.79 -44.17 7.19
N LEU C 314 -8.19 -44.09 5.94
CA LEU C 314 -7.30 -44.31 4.82
C LEU C 314 -5.99 -43.53 4.95
N LEU C 315 -6.05 -42.30 5.46
CA LEU C 315 -4.86 -41.46 5.52
C LEU C 315 -3.87 -41.79 6.62
N LEU C 316 -4.31 -42.63 7.56
CA LEU C 316 -3.47 -42.99 8.70
C LEU C 316 -2.43 -44.07 8.41
N GLN C 317 -2.58 -44.78 7.30
CA GLN C 317 -1.55 -45.70 6.83
C GLN C 317 -0.30 -44.91 6.49
N PRO C 318 0.86 -45.30 7.04
CA PRO C 318 2.07 -44.60 6.62
C PRO C 318 2.44 -45.06 5.23
N VAL C 319 3.19 -44.23 4.55
CA VAL C 319 3.65 -44.56 3.24
C VAL C 319 5.12 -44.26 3.25
N HIS C 320 5.91 -45.30 3.00
CA HIS C 320 7.35 -45.24 3.03
C HIS C 320 7.91 -45.27 1.61
N TYR D 30 20.91 39.11 -35.85
CA TYR D 30 20.13 38.72 -34.68
C TYR D 30 21.00 37.91 -33.72
N THR D 31 22.31 38.09 -33.87
CA THR D 31 23.29 37.51 -32.96
C THR D 31 24.38 38.56 -32.80
N LEU D 32 24.54 39.40 -33.81
CA LEU D 32 25.42 40.55 -33.69
C LEU D 32 24.74 41.59 -32.81
N ARG D 33 23.46 41.36 -32.52
CA ARG D 33 22.70 42.19 -31.59
C ARG D 33 22.81 41.60 -30.18
N ASN D 34 22.82 40.27 -30.09
CA ASN D 34 23.10 39.57 -28.84
C ASN D 34 24.29 38.62 -28.98
N GLN D 35 25.39 38.95 -28.33
CA GLN D 35 26.62 38.16 -28.42
C GLN D 35 26.49 36.73 -27.90
N ASP D 36 25.46 36.49 -27.09
CA ASP D 36 25.37 35.25 -26.32
C ASP D 36 24.50 34.16 -26.95
N THR D 37 24.31 34.26 -28.26
CA THR D 37 23.31 33.46 -28.91
C THR D 37 23.92 32.54 -29.96
N PHE D 38 23.21 31.46 -30.26
CA PHE D 38 23.57 30.54 -31.32
C PHE D 38 22.35 29.67 -31.59
N SER D 39 22.46 28.84 -32.61
CA SER D 39 21.30 28.10 -33.08
C SER D 39 21.63 26.63 -33.31
N VAL D 40 20.60 25.79 -33.21
CA VAL D 40 20.72 24.38 -33.50
C VAL D 40 19.46 23.86 -34.15
N ALA D 41 19.63 22.98 -35.14
CA ALA D 41 18.51 22.22 -35.67
C ALA D 41 18.74 20.75 -35.38
N VAL D 42 17.66 20.03 -35.12
CA VAL D 42 17.73 18.60 -34.89
C VAL D 42 16.49 17.90 -35.45
N LEU D 45 12.80 13.23 -33.96
CA LEU D 45 12.67 11.90 -34.54
C LEU D 45 13.96 11.48 -35.24
N THR D 46 14.87 10.89 -34.47
CA THR D 46 16.25 10.72 -34.92
C THR D 46 16.88 12.09 -34.87
N GLY D 47 16.36 12.90 -33.95
CA GLY D 47 16.80 14.25 -33.71
C GLY D 47 18.25 14.28 -33.23
N ARG D 48 19.14 14.55 -34.16
CA ARG D 48 20.55 14.69 -33.88
C ARG D 48 20.94 16.04 -34.46
N ILE D 49 22.14 16.52 -34.12
CA ILE D 49 22.57 17.85 -34.52
C ILE D 49 22.73 17.94 -36.04
N VAL D 50 21.68 18.41 -36.70
CA VAL D 50 21.64 18.55 -38.14
C VAL D 50 22.40 19.80 -38.61
N TYR D 51 22.33 20.84 -37.78
CA TYR D 51 22.98 22.12 -38.00
C TYR D 51 23.43 22.69 -36.65
N ILE D 52 24.18 23.80 -36.69
CA ILE D 52 24.71 24.50 -35.52
C ILE D 52 25.42 25.75 -35.97
N SER D 53 24.92 26.92 -35.58
CA SER D 53 25.47 28.20 -36.03
C SER D 53 26.92 28.40 -35.59
N GLU D 54 27.57 29.46 -36.11
CA GLU D 54 29.02 29.56 -36.05
C GLU D 54 29.53 29.68 -34.64
N GLN D 55 28.83 30.47 -33.85
CA GLN D 55 29.37 30.88 -32.55
C GLN D 55 29.01 29.94 -31.41
N ALA D 56 28.31 28.85 -31.73
CA ALA D 56 28.13 27.81 -30.73
C ALA D 56 29.52 27.33 -30.30
N GLY D 57 30.42 27.27 -31.28
CA GLY D 57 31.81 26.92 -31.03
C GLY D 57 32.46 27.94 -30.11
N VAL D 58 32.18 29.20 -30.34
CA VAL D 58 32.71 30.24 -29.45
C VAL D 58 32.14 30.07 -28.05
N LEU D 59 30.80 30.08 -27.96
CA LEU D 59 30.10 30.10 -26.68
C LEU D 59 30.46 28.92 -25.78
N LEU D 60 30.25 27.70 -26.26
CA LEU D 60 30.75 26.55 -25.53
C LEU D 60 32.06 26.14 -26.18
N ARG D 61 33.14 26.80 -25.78
CA ARG D 61 34.44 26.72 -26.45
C ARG D 61 34.87 25.29 -26.76
N CYS D 62 34.62 24.88 -28.00
CA CYS D 62 34.92 23.54 -28.47
C CYS D 62 34.92 23.59 -29.98
N LYS D 63 35.87 22.89 -30.59
CA LYS D 63 36.04 22.89 -32.05
C LYS D 63 34.84 22.31 -32.77
N ARG D 64 34.32 23.08 -33.73
CA ARG D 64 33.10 22.73 -34.46
C ARG D 64 33.15 21.32 -35.06
N ASP D 65 34.37 20.82 -35.27
CA ASP D 65 34.59 19.46 -35.74
C ASP D 65 33.76 18.48 -34.92
N VAL D 66 33.43 18.90 -33.71
CA VAL D 66 32.83 18.04 -32.70
C VAL D 66 31.31 18.11 -32.68
N PHE D 67 30.72 18.91 -33.56
CA PHE D 67 29.27 19.08 -33.55
C PHE D 67 28.52 18.16 -34.52
N ARG D 68 28.94 18.08 -35.78
CA ARG D 68 28.24 17.23 -36.74
C ARG D 68 28.01 15.80 -36.22
N GLY D 69 26.79 15.32 -36.38
CA GLY D 69 26.49 13.94 -36.09
C GLY D 69 26.44 13.58 -34.61
N ALA D 70 26.08 14.56 -33.78
CA ALA D 70 25.91 14.32 -32.35
C ALA D 70 24.43 14.34 -32.01
N ARG D 71 24.06 13.55 -31.00
CA ARG D 71 22.67 13.33 -30.61
C ARG D 71 22.02 14.63 -30.18
N PHE D 72 22.87 15.55 -29.73
CA PHE D 72 22.48 16.83 -29.14
C PHE D 72 22.16 16.64 -27.67
N SER D 73 21.14 15.84 -27.39
CA SER D 73 20.82 15.37 -26.06
C SER D 73 22.11 15.00 -25.36
N GLU D 74 23.09 14.62 -26.19
CA GLU D 74 24.46 14.35 -25.81
C GLU D 74 25.10 15.50 -25.06
N LEU D 75 24.80 16.71 -25.51
CA LEU D 75 25.46 17.91 -25.01
C LEU D 75 24.82 18.49 -23.76
N LEU D 76 23.53 18.21 -23.59
CA LEU D 76 22.80 18.50 -22.36
C LEU D 76 23.36 17.80 -21.13
N ALA D 77 23.06 18.35 -19.97
CA ALA D 77 23.27 17.68 -18.69
C ALA D 77 22.10 16.74 -18.42
N PRO D 78 22.37 15.62 -17.75
CA PRO D 78 21.35 14.56 -17.60
C PRO D 78 20.05 15.04 -16.94
N GLN D 79 20.10 16.01 -16.04
CA GLN D 79 18.87 16.54 -15.43
C GLN D 79 18.07 17.43 -16.39
N ASP D 80 18.73 17.88 -17.45
CA ASP D 80 18.09 18.82 -18.37
C ASP D 80 17.42 18.09 -19.53
N VAL D 81 17.96 16.93 -19.88
CA VAL D 81 17.41 16.05 -20.90
C VAL D 81 15.89 15.89 -20.82
N GLY D 82 15.37 15.72 -19.61
CA GLY D 82 13.95 15.51 -19.44
C GLY D 82 13.12 16.71 -19.85
N VAL D 83 13.41 17.86 -19.23
CA VAL D 83 12.66 19.07 -19.53
C VAL D 83 12.84 19.48 -20.99
N PHE D 84 14.01 19.16 -21.56
CA PHE D 84 14.26 19.32 -23.00
C PHE D 84 13.19 18.68 -23.87
N TYR D 85 13.15 17.35 -23.86
CA TYR D 85 12.16 16.60 -24.62
C TYR D 85 10.74 17.02 -24.29
N GLY D 86 10.52 17.42 -23.04
CA GLY D 86 9.21 17.93 -22.65
C GLY D 86 8.79 19.06 -23.57
N SER D 87 9.66 20.06 -23.69
CA SER D 87 9.33 21.23 -24.49
C SER D 87 9.40 20.95 -25.99
N THR D 88 10.16 19.93 -26.39
CA THR D 88 10.29 19.61 -27.82
C THR D 88 9.34 18.50 -28.27
N THR D 89 8.05 18.81 -28.30
CA THR D 89 7.10 17.88 -28.87
C THR D 89 6.53 18.53 -30.11
N PRO D 90 6.83 17.97 -31.29
CA PRO D 90 6.41 18.55 -32.57
C PRO D 90 4.97 19.04 -32.49
N SER D 91 4.16 18.35 -31.70
CA SER D 91 2.76 18.70 -31.52
C SER D 91 2.55 20.10 -30.89
N ARG D 92 3.26 20.38 -29.81
CA ARG D 92 3.08 21.65 -29.10
C ARG D 92 4.12 22.73 -29.48
N LEU D 93 4.92 22.47 -30.51
CA LEU D 93 5.94 23.43 -30.91
C LEU D 93 5.42 24.47 -31.90
N PRO D 94 5.70 25.75 -31.64
CA PRO D 94 5.30 26.84 -32.53
C PRO D 94 6.20 26.88 -33.78
N THR D 95 5.66 27.36 -34.89
CA THR D 95 6.38 27.36 -36.17
C THR D 95 7.33 28.57 -36.28
N TRP D 96 8.59 28.29 -36.58
CA TRP D 96 9.56 29.34 -36.86
C TRP D 96 9.09 30.20 -38.02
N GLY D 97 8.81 31.47 -37.74
CA GLY D 97 8.29 32.39 -38.74
C GLY D 97 8.11 33.80 -38.21
N GLU D 112 7.71 31.96 -27.08
CA GLU D 112 7.12 32.24 -25.77
C GLU D 112 7.55 31.19 -24.75
N LYS D 113 7.27 29.92 -25.06
CA LYS D 113 7.74 28.82 -24.21
C LYS D 113 9.26 28.69 -24.34
N SER D 114 9.90 28.41 -23.22
CA SER D 114 11.36 28.33 -23.15
C SER D 114 11.75 27.45 -22.00
N VAL D 115 12.92 26.85 -22.13
CA VAL D 115 13.49 26.02 -21.09
C VAL D 115 14.94 26.43 -20.90
N PHE D 116 15.56 25.93 -19.83
CA PHE D 116 16.95 26.24 -19.55
C PHE D 116 17.66 24.92 -19.36
N CYS D 117 18.74 24.73 -20.09
CA CYS D 117 19.50 23.51 -19.96
C CYS D 117 20.96 23.88 -19.85
N ARG D 118 21.71 23.10 -19.09
CA ARG D 118 23.15 23.23 -19.13
C ARG D 118 23.71 22.48 -20.33
N ILE D 119 24.53 23.19 -21.12
CA ILE D 119 25.12 22.62 -22.31
C ILE D 119 26.63 22.51 -22.17
N ARG D 120 27.12 21.29 -22.39
CA ARG D 120 28.52 20.92 -22.20
C ARG D 120 29.44 21.45 -23.29
N GLY D 121 30.60 21.95 -22.89
CA GLY D 121 31.62 22.43 -23.79
C GLY D 121 33.03 21.99 -23.46
N ARG D 130 33.43 22.06 -18.40
CA ARG D 130 32.21 21.90 -17.62
C ARG D 130 30.98 22.20 -18.47
N TYR D 131 29.99 22.88 -17.89
CA TYR D 131 28.72 23.13 -18.55
C TYR D 131 28.42 24.62 -18.59
N GLN D 132 27.47 25.00 -19.45
CA GLN D 132 26.97 26.37 -19.46
C GLN D 132 25.44 26.41 -19.49
N PRO D 133 24.85 27.33 -18.72
CA PRO D 133 23.42 27.66 -18.73
C PRO D 133 22.97 28.38 -20.01
N PHE D 134 22.00 27.81 -20.71
CA PHE D 134 21.45 28.47 -21.86
C PHE D 134 19.95 28.47 -21.76
N ARG D 135 19.33 29.51 -22.29
CA ARG D 135 17.89 29.54 -22.47
C ARG D 135 17.59 28.99 -23.86
N LEU D 136 16.69 28.02 -23.95
CA LEU D 136 16.35 27.44 -25.25
C LEU D 136 14.91 27.75 -25.63
N THR D 137 14.72 28.45 -26.75
CA THR D 137 13.37 28.62 -27.30
C THR D 137 13.19 27.80 -28.58
N PRO D 138 12.56 26.63 -28.46
CA PRO D 138 12.48 25.64 -29.54
C PRO D 138 11.34 25.93 -30.52
N TYR D 139 11.48 25.49 -31.77
CA TYR D 139 10.49 25.78 -32.80
C TYR D 139 10.25 24.64 -33.75
N VAL D 140 9.23 24.80 -34.59
CA VAL D 140 8.94 23.90 -35.69
C VAL D 140 9.51 24.44 -37.00
N CYS D 154 11.95 22.23 -39.06
CA CYS D 154 12.12 21.07 -38.18
C CYS D 154 12.23 21.50 -36.70
N CYS D 155 13.13 20.86 -35.95
CA CYS D 155 13.41 21.26 -34.56
C CYS D 155 14.49 22.33 -34.44
N LEU D 156 14.08 23.59 -34.32
CA LEU D 156 15.03 24.68 -34.26
C LEU D 156 14.99 25.39 -32.92
N LEU D 157 16.17 25.54 -32.32
CA LEU D 157 16.32 26.19 -31.03
C LEU D 157 17.22 27.42 -31.06
N ILE D 158 16.72 28.52 -30.52
CA ILE D 158 17.55 29.67 -30.21
C ILE D 158 18.11 29.52 -28.80
N ALA D 159 19.42 29.42 -28.71
CA ALA D 159 20.07 29.20 -27.44
C ALA D 159 20.81 30.45 -26.98
N GLU D 160 20.23 31.18 -26.04
CA GLU D 160 20.83 32.35 -25.46
C GLU D 160 21.44 31.99 -24.12
N ARG D 161 22.75 32.16 -23.99
CA ARG D 161 23.48 31.87 -22.76
C ARG D 161 23.13 32.80 -21.60
N ILE D 162 22.97 32.21 -20.42
CA ILE D 162 22.60 32.96 -19.23
C ILE D 162 23.81 33.32 -18.39
N HIS D 163 23.77 34.53 -17.84
CA HIS D 163 24.89 35.08 -17.06
C HIS D 163 24.50 35.44 -15.63
N SER D 164 25.50 35.42 -14.73
CA SER D 164 25.32 35.87 -13.36
C SER D 164 24.69 37.23 -13.27
N GLY D 165 23.94 37.45 -12.21
CA GLY D 165 23.42 38.76 -11.89
C GLY D 165 24.53 39.59 -11.30
N TYR D 166 25.50 38.89 -10.69
CA TYR D 166 26.68 39.52 -10.09
C TYR D 166 27.86 39.64 -11.07
N GLU D 167 27.56 39.63 -12.36
CA GLU D 167 28.60 39.85 -13.35
C GLU D 167 28.17 40.85 -14.37
N ALA D 168 29.15 41.63 -14.79
CA ALA D 168 29.06 42.66 -15.80
C ALA D 168 28.43 42.11 -17.07
N PRO D 169 27.24 42.59 -17.46
CA PRO D 169 26.28 43.50 -16.80
C PRO D 169 25.73 43.01 -15.44
N ARG D 170 26.11 43.66 -14.33
CA ARG D 170 25.46 43.45 -13.04
C ARG D 170 23.98 43.82 -13.05
N ILE D 171 23.20 43.13 -12.23
CA ILE D 171 21.80 43.49 -12.03
C ILE D 171 21.70 44.51 -10.89
N PRO D 172 21.04 45.65 -11.14
CA PRO D 172 20.87 46.67 -10.09
C PRO D 172 20.41 46.01 -8.81
N PRO D 173 21.11 46.27 -7.70
CA PRO D 173 20.78 45.62 -6.43
C PRO D 173 19.30 45.70 -6.04
N ASP D 174 18.61 46.76 -6.44
CA ASP D 174 17.19 46.88 -6.08
C ASP D 174 16.31 46.11 -7.04
N LYS D 175 16.93 45.54 -8.07
CA LYS D 175 16.23 44.68 -9.03
C LYS D 175 16.53 43.19 -8.83
N ARG D 176 17.47 42.88 -7.93
CA ARG D 176 17.81 41.50 -7.59
C ARG D 176 16.70 40.83 -6.76
N ILE D 177 15.62 40.54 -7.45
CA ILE D 177 14.46 39.99 -6.82
C ILE D 177 14.02 38.77 -7.60
N PHE D 178 13.47 37.79 -6.88
CA PHE D 178 12.87 36.60 -7.48
C PHE D 178 11.78 36.06 -6.57
N THR D 179 10.80 35.41 -7.18
CA THR D 179 9.72 34.85 -6.40
C THR D 179 9.77 33.30 -6.30
N THR D 180 9.15 32.77 -5.26
CA THR D 180 9.06 31.34 -5.08
C THR D 180 7.69 30.94 -4.54
N ARG D 181 7.23 29.77 -4.96
CA ARG D 181 6.00 29.21 -4.47
C ARG D 181 6.26 27.80 -3.99
N HIS D 182 5.74 27.46 -2.82
CA HIS D 182 5.94 26.12 -2.28
C HIS D 182 4.71 25.51 -1.65
N THR D 183 4.52 24.23 -1.91
CA THR D 183 3.50 23.42 -1.23
C THR D 183 3.61 23.48 0.29
N PRO D 184 2.51 23.14 0.97
CA PRO D 184 2.47 23.00 2.43
C PRO D 184 3.42 21.91 2.96
N SER D 185 3.74 20.93 2.13
CA SER D 185 4.79 19.97 2.48
C SER D 185 6.19 20.57 2.36
N CYS D 186 6.27 21.85 2.02
CA CYS D 186 7.55 22.52 1.90
C CYS D 186 8.34 22.08 0.69
N LEU D 187 7.70 21.94 -0.45
CA LEU D 187 8.41 21.57 -1.67
C LEU D 187 8.16 22.65 -2.70
N PHE D 188 9.23 23.09 -3.39
CA PHE D 188 9.06 24.12 -4.41
C PHE D 188 8.05 23.67 -5.44
N GLN D 189 7.07 24.52 -5.68
CA GLN D 189 6.05 24.26 -6.69
C GLN D 189 6.33 25.14 -7.89
N ASP D 190 7.01 26.24 -7.62
CA ASP D 190 7.40 27.14 -8.67
C ASP D 190 8.51 28.09 -8.23
N VAL D 191 9.47 28.25 -9.12
CA VAL D 191 10.49 29.25 -8.93
C VAL D 191 10.58 30.13 -10.17
N ASP D 192 10.60 31.43 -9.92
CA ASP D 192 10.65 32.42 -10.97
C ASP D 192 12.04 32.38 -11.68
N GLU D 193 12.07 32.70 -12.97
CA GLU D 193 13.30 32.66 -13.78
C GLU D 193 14.48 33.41 -13.16
N ARG D 194 14.16 34.49 -12.45
CA ARG D 194 15.19 35.33 -11.86
C ARG D 194 16.10 34.60 -10.89
N ALA D 195 15.68 33.42 -10.46
CA ALA D 195 16.46 32.61 -9.54
C ALA D 195 17.78 32.18 -10.13
N ALA D 196 17.79 31.91 -11.43
CA ALA D 196 18.99 31.39 -12.07
C ALA D 196 20.19 32.33 -12.00
N PRO D 197 20.05 33.58 -12.48
CA PRO D 197 21.22 34.46 -12.40
C PRO D 197 21.56 34.95 -10.96
N LEU D 198 20.66 34.73 -10.01
CA LEU D 198 20.89 35.12 -8.62
C LEU D 198 21.29 33.98 -7.69
N LEU D 199 21.11 32.74 -8.13
CA LEU D 199 21.37 31.59 -7.26
C LEU D 199 22.03 30.42 -7.97
N GLY D 200 21.99 30.43 -9.28
CA GLY D 200 22.70 29.43 -10.02
C GLY D 200 21.86 28.22 -10.38
N TYR D 201 20.58 28.25 -10.02
CA TYR D 201 19.70 27.10 -10.25
C TYR D 201 18.74 27.27 -11.43
N LEU D 202 18.64 26.24 -12.27
CA LEU D 202 17.55 26.20 -13.24
C LEU D 202 16.25 25.68 -12.60
N PRO D 203 15.09 26.02 -13.18
CA PRO D 203 13.82 25.70 -12.54
C PRO D 203 13.72 24.28 -12.00
N GLN D 204 14.20 23.31 -12.78
CA GLN D 204 14.11 21.88 -12.47
C GLN D 204 14.92 21.39 -11.26
N ASP D 205 16.00 22.09 -10.93
CA ASP D 205 16.80 21.81 -9.74
C ASP D 205 16.02 22.08 -8.48
N LEU D 206 14.98 22.88 -8.58
CA LEU D 206 14.23 23.28 -7.40
C LEU D 206 12.83 22.68 -7.39
N LEU D 207 12.20 22.56 -8.56
CA LEU D 207 10.80 22.16 -8.63
C LEU D 207 10.56 20.75 -8.10
N GLY D 208 9.89 20.67 -6.96
CA GLY D 208 9.71 19.39 -6.30
C GLY D 208 10.61 19.20 -5.11
N ALA D 209 11.76 19.86 -5.12
CA ALA D 209 12.73 19.71 -4.04
C ALA D 209 12.31 20.48 -2.78
N PRO D 210 12.85 20.06 -1.62
CA PRO D 210 12.48 20.64 -0.33
C PRO D 210 13.09 22.02 -0.08
N VAL D 211 12.23 23.01 0.06
CA VAL D 211 12.64 24.38 0.32
C VAL D 211 13.77 24.34 1.35
N LEU D 212 13.49 23.71 2.47
CA LEU D 212 14.42 23.70 3.59
C LEU D 212 15.83 23.29 3.21
N LEU D 213 15.97 22.41 2.21
CA LEU D 213 17.28 21.87 1.84
C LEU D 213 18.17 22.94 1.21
N PHE D 214 17.55 24.06 0.83
CA PHE D 214 18.24 25.11 0.13
C PHE D 214 18.53 26.27 1.05
N LEU D 215 18.17 26.11 2.31
CA LEU D 215 18.38 27.14 3.32
C LEU D 215 19.60 26.79 4.13
N HIS D 216 20.20 27.79 4.75
CA HIS D 216 21.34 27.58 5.61
C HIS D 216 20.77 27.03 6.90
N PRO D 217 21.40 25.98 7.46
CA PRO D 217 20.85 25.24 8.62
C PRO D 217 20.52 26.13 9.83
N GLU D 218 21.32 27.15 10.08
CA GLU D 218 21.07 28.09 11.16
C GLU D 218 19.71 28.78 10.97
N ASP D 219 19.29 28.90 9.71
CA ASP D 219 18.03 29.57 9.39
C ASP D 219 16.88 28.60 9.18
N ARG D 220 17.17 27.31 9.18
CA ARG D 220 16.13 26.32 8.96
C ARG D 220 15.07 26.25 10.09
N PRO D 221 15.47 26.47 11.37
CA PRO D 221 14.49 26.54 12.47
C PRO D 221 13.56 27.75 12.44
N LEU D 222 13.96 28.80 11.71
CA LEU D 222 13.19 30.01 11.53
C LEU D 222 11.86 29.80 10.83
N MET D 223 11.84 28.82 9.94
CA MET D 223 10.73 28.70 9.00
C MET D 223 9.41 28.36 9.65
N LEU D 224 9.46 27.64 10.77
CA LEU D 224 8.26 27.22 11.47
C LEU D 224 7.46 28.44 11.96
N ALA D 225 8.15 29.38 12.59
CA ALA D 225 7.53 30.61 13.09
C ALA D 225 7.00 31.45 11.95
N ILE D 226 7.67 31.33 10.82
CA ILE D 226 7.34 32.13 9.67
C ILE D 226 6.06 31.58 9.12
N HIS D 227 5.96 30.27 9.05
CA HIS D 227 4.72 29.64 8.60
C HIS D 227 3.59 29.76 9.63
N LYS D 228 3.93 29.93 10.90
CA LYS D 228 2.94 30.23 11.92
C LYS D 228 2.30 31.61 11.69
N LYS D 229 3.14 32.64 11.50
CA LYS D 229 2.68 33.98 11.09
C LYS D 229 1.99 34.03 9.72
N ILE D 230 2.35 33.12 8.81
CA ILE D 230 1.64 33.02 7.54
C ILE D 230 0.21 32.55 7.80
N LEU D 231 0.09 31.51 8.60
CA LEU D 231 -1.20 30.95 8.92
C LEU D 231 -2.03 32.01 9.63
N GLN D 232 -1.45 32.66 10.63
CA GLN D 232 -2.12 33.73 11.36
C GLN D 232 -2.70 34.81 10.47
N LEU D 233 -1.93 35.23 9.47
CA LEU D 233 -2.32 36.36 8.64
C LEU D 233 -3.31 36.00 7.55
N ALA D 234 -3.68 34.72 7.50
CA ALA D 234 -4.70 34.25 6.57
C ALA D 234 -4.54 34.82 5.16
N GLY D 235 -3.30 34.86 4.69
CA GLY D 235 -3.06 35.21 3.30
C GLY D 235 -2.54 36.61 3.06
N GLN D 236 -1.97 37.21 4.10
CA GLN D 236 -1.39 38.54 4.00
C GLN D 236 0.11 38.47 4.05
N PRO D 237 0.79 39.35 3.30
CA PRO D 237 2.24 39.25 3.22
C PRO D 237 2.84 39.78 4.50
N PHE D 238 4.07 39.39 4.80
CA PHE D 238 4.81 39.99 5.90
C PHE D 238 6.33 39.92 5.66
N ASP D 239 7.01 41.01 5.95
CA ASP D 239 8.46 41.13 5.79
C ASP D 239 9.21 40.42 6.90
N HIS D 240 10.37 39.86 6.55
CA HIS D 240 11.24 39.18 7.51
C HIS D 240 12.66 38.94 7.02
N SER D 241 13.58 39.84 7.34
CA SER D 241 14.97 39.68 6.96
C SER D 241 15.75 39.10 8.13
N PRO D 242 16.80 38.33 7.85
CA PRO D 242 17.18 37.88 6.51
C PRO D 242 17.25 36.35 6.44
N ILE D 243 17.27 35.80 5.23
CA ILE D 243 17.48 34.37 5.07
C ILE D 243 18.63 34.08 4.10
N ARG D 244 19.45 33.10 4.43
CA ARG D 244 20.50 32.70 3.51
C ARG D 244 20.11 31.49 2.68
N PHE D 245 20.29 31.59 1.37
CA PHE D 245 20.11 30.47 0.48
C PHE D 245 21.49 30.00 0.01
N CYS D 246 21.70 28.70 0.01
CA CYS D 246 22.87 28.10 -0.65
C CYS D 246 22.78 28.39 -2.14
N ALA D 247 23.90 28.71 -2.78
CA ALA D 247 23.84 29.31 -4.12
C ALA D 247 24.40 28.47 -5.23
N ARG D 248 24.30 27.15 -5.09
CA ARG D 248 24.66 26.22 -6.17
C ARG D 248 26.15 26.09 -6.43
N ASN D 249 26.88 27.21 -6.40
CA ASN D 249 28.34 27.16 -6.34
C ASN D 249 28.81 26.82 -4.93
N GLY D 250 27.85 26.57 -4.05
CA GLY D 250 28.14 26.08 -2.72
C GLY D 250 28.08 27.11 -1.61
N GLU D 251 28.10 28.39 -1.96
CA GLU D 251 28.15 29.44 -0.95
C GLU D 251 26.82 30.16 -0.73
N TYR D 252 26.70 30.83 0.41
CA TYR D 252 25.43 31.41 0.86
C TYR D 252 25.20 32.87 0.48
N VAL D 253 23.95 33.21 0.20
CA VAL D 253 23.58 34.57 -0.16
C VAL D 253 22.39 35.09 0.67
N THR D 254 22.54 36.27 1.24
CA THR D 254 21.53 36.77 2.16
C THR D 254 20.40 37.53 1.46
N MET D 255 19.17 37.04 1.66
CA MET D 255 17.98 37.63 1.07
C MET D 255 17.17 38.44 2.07
N ASP D 256 16.49 39.47 1.60
CA ASP D 256 15.45 40.10 2.39
C ASP D 256 14.15 39.46 1.91
N THR D 257 13.48 38.74 2.80
CA THR D 257 12.35 37.89 2.44
C THR D 257 10.99 38.45 2.86
N SER D 258 9.98 38.01 2.13
CA SER D 258 8.60 38.35 2.42
C SER D 258 7.72 37.16 2.06
N TRP D 259 6.75 36.84 2.93
CA TRP D 259 5.89 35.69 2.66
C TRP D 259 4.42 36.02 2.77
N ALA D 260 3.58 35.26 2.09
CA ALA D 260 2.16 35.51 2.17
C ALA D 260 1.39 34.20 2.14
N GLY D 261 1.48 33.47 1.04
CA GLY D 261 0.76 32.21 0.98
C GLY D 261 -0.74 32.34 0.81
N PHE D 262 -1.31 31.38 0.08
CA PHE D 262 -2.64 31.47 -0.49
C PHE D 262 -3.59 30.44 0.11
N VAL D 263 -4.70 30.92 0.67
CA VAL D 263 -5.75 30.05 1.18
C VAL D 263 -6.64 29.55 0.05
N HIS D 264 -6.90 28.25 0.05
CA HIS D 264 -7.77 27.63 -0.95
C HIS D 264 -9.24 28.07 -0.73
N PRO D 265 -9.83 28.72 -1.74
CA PRO D 265 -11.18 29.28 -1.59
C PRO D 265 -12.21 28.29 -1.05
N TRP D 266 -12.03 27.00 -1.35
CA TRP D 266 -13.04 26.01 -1.00
C TRP D 266 -12.73 25.24 0.27
N SER D 267 -11.48 24.86 0.45
CA SER D 267 -11.11 24.05 1.59
C SER D 267 -10.71 24.95 2.75
N ARG D 268 -10.39 26.20 2.42
CA ARG D 268 -9.97 27.14 3.45
C ARG D 268 -8.66 26.77 4.15
N LYS D 269 -7.96 25.78 3.60
CA LYS D 269 -6.62 25.42 4.02
C LYS D 269 -5.64 26.20 3.14
N VAL D 270 -4.39 26.28 3.58
CA VAL D 270 -3.36 26.94 2.78
C VAL D 270 -2.92 26.07 1.61
N ALA D 271 -3.02 26.59 0.40
CA ALA D 271 -2.70 25.80 -0.79
C ALA D 271 -1.21 25.92 -1.19
N PHE D 272 -0.60 27.05 -0.86
CA PHE D 272 0.83 27.20 -1.01
C PHE D 272 1.28 28.55 -0.52
N VAL D 273 2.59 28.69 -0.35
CA VAL D 273 3.23 29.84 0.26
C VAL D 273 3.97 30.62 -0.82
N LEU D 274 3.94 31.95 -0.74
CA LEU D 274 4.68 32.79 -1.69
C LEU D 274 5.77 33.57 -0.96
N GLY D 275 6.89 33.74 -1.64
CA GLY D 275 7.97 34.53 -1.08
C GLY D 275 8.63 35.39 -2.14
N ARG D 276 8.62 36.71 -1.96
CA ARG D 276 9.44 37.63 -2.75
C ARG D 276 10.73 37.88 -1.98
N HIS D 277 11.86 37.57 -2.59
CA HIS D 277 13.14 37.73 -1.93
C HIS D 277 14.02 38.69 -2.69
N LYS D 278 14.84 39.40 -1.95
CA LYS D 278 15.73 40.39 -2.53
C LYS D 278 17.12 40.21 -1.93
N VAL D 279 18.11 40.15 -2.82
CA VAL D 279 19.51 39.96 -2.45
C VAL D 279 20.06 41.12 -1.63
N ARG D 280 20.29 40.89 -0.34
CA ARG D 280 20.91 41.87 0.52
C ARG D 280 22.38 42.02 0.15
N THR D 281 23.07 40.90 0.05
CA THR D 281 24.49 40.90 -0.28
C THR D 281 24.81 39.89 -1.38
N ALA D 282 25.56 40.33 -2.37
CA ALA D 282 26.15 39.44 -3.38
C ALA D 282 27.21 38.57 -2.70
N PRO D 283 27.58 37.45 -3.34
CA PRO D 283 28.76 36.70 -2.86
C PRO D 283 30.03 37.03 -3.63
N LEU D 284 31.19 36.74 -3.02
CA LEU D 284 32.43 36.58 -3.77
C LEU D 284 32.26 35.23 -4.47
N ASN D 285 32.87 35.07 -5.63
CA ASN D 285 32.50 33.96 -6.51
C ASN D 285 31.15 34.31 -7.09
N GLU D 286 31.20 35.18 -8.09
CA GLU D 286 30.02 35.63 -8.81
C GLU D 286 29.55 34.50 -9.72
N ASP D 287 30.40 33.50 -9.90
CA ASP D 287 30.05 32.32 -10.69
C ASP D 287 29.14 31.36 -9.90
N VAL D 288 27.87 31.73 -9.81
CA VAL D 288 26.92 30.98 -9.00
C VAL D 288 26.53 29.63 -9.64
N PHE D 289 26.77 29.50 -10.94
CA PHE D 289 26.17 28.42 -11.69
C PHE D 289 26.95 27.13 -11.52
N THR D 290 28.25 27.27 -11.30
CA THR D 290 29.16 26.14 -11.25
C THR D 290 29.14 25.43 -9.90
N PRO D 291 28.84 24.12 -9.89
CA PRO D 291 28.84 23.32 -8.66
C PRO D 291 30.23 23.23 -8.04
N PRO D 292 30.34 22.76 -6.79
CA PRO D 292 31.65 22.56 -6.18
C PRO D 292 32.06 21.10 -6.18
N ASP D 301 21.96 16.17 6.90
CA ASP D 301 21.40 16.38 8.22
C ASP D 301 19.90 16.53 8.07
N SER D 302 19.12 15.99 9.00
CA SER D 302 17.67 15.81 8.77
C SER D 302 16.73 16.66 9.61
N ASP D 303 17.17 17.84 10.04
CA ASP D 303 16.23 18.82 10.56
C ASP D 303 15.23 19.05 9.45
N ILE D 304 15.65 18.77 8.22
CA ILE D 304 14.82 18.95 7.04
C ILE D 304 13.54 18.11 7.01
N GLN D 305 13.66 16.79 7.12
CA GLN D 305 12.46 15.96 7.07
C GLN D 305 11.60 16.23 8.31
N GLU D 306 12.22 16.60 9.42
CA GLU D 306 11.49 16.91 10.64
C GLU D 306 10.74 18.23 10.57
N LEU D 307 11.47 19.30 10.26
CA LEU D 307 10.90 20.65 10.27
C LEU D 307 9.83 20.80 9.22
N SER D 308 10.06 20.15 8.08
CA SER D 308 9.10 20.16 7.00
C SER D 308 7.79 19.60 7.50
N GLU D 309 7.87 18.42 8.10
CA GLU D 309 6.71 17.68 8.55
C GLU D 309 5.98 18.44 9.63
N GLN D 310 6.69 19.27 10.38
CA GLN D 310 6.03 20.15 11.34
C GLN D 310 5.21 21.24 10.65
N ILE D 311 5.82 21.94 9.71
CA ILE D 311 5.16 23.02 9.00
C ILE D 311 3.93 22.50 8.28
N HIS D 312 4.07 21.31 7.71
CA HIS D 312 2.99 20.70 6.94
C HIS D 312 1.81 20.48 7.87
N ARG D 313 2.10 19.95 9.06
CA ARG D 313 1.13 19.74 10.13
C ARG D 313 0.42 21.02 10.50
N LEU D 314 1.21 22.07 10.69
CA LEU D 314 0.67 23.37 11.05
C LEU D 314 -0.21 23.90 9.93
N LEU D 315 0.15 23.59 8.68
CA LEU D 315 -0.55 24.12 7.52
C LEU D 315 -1.85 23.42 7.19
N LEU D 316 -2.10 22.31 7.86
CA LEU D 316 -3.32 21.54 7.64
C LEU D 316 -4.54 22.01 8.44
N GLN D 317 -4.33 22.85 9.45
CA GLN D 317 -5.43 23.58 10.09
C GLN D 317 -6.04 24.53 9.07
N PRO D 318 -7.38 24.56 8.98
CA PRO D 318 -7.97 25.54 8.08
C PRO D 318 -8.14 26.85 8.83
N VAL D 319 -7.96 27.93 8.09
CA VAL D 319 -8.36 29.22 8.56
C VAL D 319 -9.71 29.42 7.91
N HIS D 320 -10.72 29.68 8.74
CA HIS D 320 -12.07 29.90 8.26
C HIS D 320 -12.41 31.38 8.40
#